data_5E5L
#
_entry.id   5E5L
#
_cell.length_a   57.731
_cell.length_b   57.731
_cell.length_c   256.601
_cell.angle_alpha   90.00
_cell.angle_beta   90.00
_cell.angle_gamma   120.00
#
_symmetry.space_group_name_H-M   'P 31'
#
loop_
_entity.id
_entity.type
_entity.pdbx_description
1 polymer 'L,D-transpeptidase 1'
2 water water
#
_entity_poly.entity_id   1
_entity_poly.type   'polypeptide(L)'
_entity_poly.pdbx_seq_one_letter_code
;GHMPLQPIPGVASVSPANGAVVGVAHPVVVTFTTPVTDRRAVERSIRISTPHNTTGHFEWVASNVVRWVPHRYWPPHTRV
SVGVQELTEGFETGDALIGVASISAHTFTVSRNGEVLRTMPASLGKPSRPTPIGSFHAMSKERTVVMDSRTIGIPLNSSD
GYLLTAHYAVRVTWSGVYVHSAPWSVNSQGYANVSHGCINLSPDNAAWYFDAVTVGDPIEVVG
;
_entity_poly.pdbx_strand_id   A,B,C,D
#
# COMPACT_ATOMS: atom_id res chain seq x y z
N VAL A 14 -1.95 12.56 -43.00
CA VAL A 14 -3.29 13.08 -42.66
C VAL A 14 -3.97 12.23 -41.57
N SER A 15 -4.42 12.90 -40.52
CA SER A 15 -5.17 12.25 -39.45
C SER A 15 -6.50 12.97 -39.23
N PRO A 16 -7.55 12.25 -38.78
CA PRO A 16 -7.75 10.83 -38.39
C PRO A 16 -7.51 9.78 -39.47
N ALA A 17 -7.33 8.53 -39.02
CA ALA A 17 -7.04 7.43 -39.94
C ALA A 17 -8.27 7.04 -40.74
N ASN A 18 -8.14 6.08 -41.65
CA ASN A 18 -9.26 5.74 -42.51
C ASN A 18 -10.33 5.01 -41.72
N GLY A 19 -11.58 5.43 -41.89
CA GLY A 19 -12.71 4.75 -41.27
C GLY A 19 -12.96 5.15 -39.83
N ALA A 20 -11.98 5.85 -39.26
CA ALA A 20 -11.96 6.16 -37.84
C ALA A 20 -13.20 6.92 -37.42
N VAL A 21 -13.82 6.50 -36.33
CA VAL A 21 -15.02 7.19 -35.87
C VAL A 21 -14.67 8.06 -34.69
N VAL A 22 -14.69 9.37 -34.91
CA VAL A 22 -14.24 10.30 -33.91
C VAL A 22 -15.36 11.18 -33.42
N GLY A 23 -15.04 12.04 -32.48
CA GLY A 23 -15.98 12.99 -31.92
C GLY A 23 -16.00 14.25 -32.74
N VAL A 24 -16.75 15.25 -32.28
CA VAL A 24 -17.08 16.38 -33.13
C VAL A 24 -16.18 17.62 -32.96
N ALA A 25 -15.11 17.52 -32.18
CA ALA A 25 -14.20 18.66 -32.06
C ALA A 25 -12.88 18.28 -32.68
N HIS A 26 -12.84 17.08 -33.22
CA HIS A 26 -11.63 16.58 -33.83
C HIS A 26 -11.26 17.37 -35.09
N PRO A 27 -10.07 18.00 -35.09
CA PRO A 27 -9.61 18.68 -36.30
C PRO A 27 -8.93 17.70 -37.21
N VAL A 28 -8.72 18.10 -38.46
CA VAL A 28 -7.99 17.27 -39.37
C VAL A 28 -6.60 17.82 -39.36
N VAL A 29 -5.60 16.94 -39.37
CA VAL A 29 -4.21 17.35 -39.30
C VAL A 29 -3.39 16.94 -40.51
N VAL A 30 -2.79 17.92 -41.17
CA VAL A 30 -1.99 17.67 -42.36
C VAL A 30 -0.55 18.07 -42.12
N THR A 31 0.36 17.18 -42.44
CA THR A 31 1.79 17.35 -42.21
C THR A 31 2.51 17.76 -43.50
N ASP A 38 5.24 28.01 -49.04
CA ASP A 38 4.11 28.91 -49.17
C ASP A 38 2.96 28.41 -48.34
N ARG A 39 2.45 29.26 -47.45
CA ARG A 39 1.44 28.80 -46.51
C ARG A 39 0.07 28.73 -47.18
N ARG A 40 -0.19 29.71 -48.03
CA ARG A 40 -1.38 29.71 -48.87
C ARG A 40 -1.41 28.57 -49.87
N ALA A 41 -0.25 28.03 -50.21
CA ALA A 41 -0.18 27.04 -51.28
C ALA A 41 -0.59 25.65 -50.87
N VAL A 42 -0.38 25.25 -49.63
CA VAL A 42 -0.85 23.92 -49.26
C VAL A 42 -2.28 24.01 -48.75
N GLU A 43 -2.70 25.20 -48.32
CA GLU A 43 -4.10 25.41 -47.96
C GLU A 43 -4.98 25.18 -49.17
N ARG A 44 -4.53 25.64 -50.32
CA ARG A 44 -5.31 25.52 -51.54
C ARG A 44 -5.47 24.06 -51.98
N SER A 45 -4.51 23.22 -51.61
CA SER A 45 -4.52 21.81 -52.01
C SER A 45 -5.27 20.91 -51.05
N ILE A 46 -6.00 21.50 -50.12
CA ILE A 46 -6.79 20.73 -49.17
C ILE A 46 -8.24 21.24 -49.20
N ARG A 47 -9.22 20.34 -49.04
CA ARG A 47 -10.62 20.77 -48.94
C ARG A 47 -11.45 19.80 -48.14
N ILE A 48 -12.37 20.32 -47.34
CA ILE A 48 -13.23 19.48 -46.51
C ILE A 48 -14.61 19.28 -47.09
N SER A 49 -14.93 18.05 -47.47
CA SER A 49 -16.19 17.78 -48.12
C SER A 49 -17.15 17.11 -47.15
N THR A 50 -18.26 17.79 -46.86
CA THR A 50 -19.32 17.34 -45.96
C THR A 50 -20.71 17.52 -46.64
N PRO A 51 -21.74 16.76 -46.19
CA PRO A 51 -23.12 16.82 -46.70
C PRO A 51 -23.78 18.20 -46.72
N HIS A 52 -23.36 19.11 -45.85
CA HIS A 52 -23.88 20.46 -45.84
C HIS A 52 -22.74 21.43 -45.92
N ASN A 53 -21.65 20.98 -46.54
CA ASN A 53 -20.49 21.80 -46.88
C ASN A 53 -20.01 22.58 -45.69
N THR A 54 -19.61 21.87 -44.65
CA THR A 54 -19.28 22.50 -43.40
C THR A 54 -18.03 23.35 -43.52
N THR A 55 -18.13 24.56 -42.97
CA THR A 55 -17.08 25.55 -42.98
C THR A 55 -16.22 25.51 -41.73
N GLY A 56 -14.98 25.94 -41.89
CA GLY A 56 -14.04 26.01 -40.79
C GLY A 56 -12.83 26.77 -41.26
N HIS A 57 -11.73 26.72 -40.50
CA HIS A 57 -10.52 27.45 -40.87
C HIS A 57 -9.20 26.69 -40.64
N PHE A 58 -8.12 27.15 -41.28
CA PHE A 58 -6.80 26.54 -41.09
C PHE A 58 -6.03 27.15 -39.94
N GLU A 59 -5.38 26.28 -39.17
CA GLU A 59 -4.54 26.68 -38.04
C GLU A 59 -3.18 25.97 -38.03
N TRP A 60 -2.11 26.75 -38.00
CA TRP A 60 -0.77 26.20 -37.90
C TRP A 60 -0.25 26.29 -36.48
N ASN A 64 6.22 21.91 -42.21
CA ASN A 64 5.34 21.85 -41.03
C ASN A 64 4.03 21.11 -41.19
N VAL A 65 3.16 21.38 -40.22
CA VAL A 65 1.90 20.72 -40.06
C VAL A 65 0.79 21.73 -39.86
N VAL A 66 -0.22 21.64 -40.72
CA VAL A 66 -1.38 22.50 -40.65
C VAL A 66 -2.60 21.66 -40.29
N ARG A 67 -3.51 22.25 -39.54
CA ARG A 67 -4.77 21.59 -39.16
C ARG A 67 -5.99 22.44 -39.51
N TRP A 68 -7.13 21.77 -39.68
CA TRP A 68 -8.37 22.44 -40.06
C TRP A 68 -9.43 22.16 -39.02
N VAL A 69 -9.96 23.23 -38.45
CA VAL A 69 -10.98 23.13 -37.42
C VAL A 69 -12.32 23.58 -37.98
N PRO A 70 -13.39 22.79 -37.72
CA PRO A 70 -14.77 23.13 -38.05
C PRO A 70 -15.23 24.34 -37.26
N HIS A 71 -16.13 25.13 -37.81
CA HIS A 71 -16.54 26.39 -37.19
C HIS A 71 -17.29 26.30 -35.86
N ARG A 72 -18.27 25.41 -35.77
CA ARG A 72 -18.96 25.23 -34.49
C ARG A 72 -18.98 23.80 -34.07
N TYR A 73 -18.13 23.02 -34.71
CA TYR A 73 -17.88 21.56 -34.57
C TYR A 73 -18.31 20.81 -35.82
N TRP A 74 -18.27 19.50 -35.74
CA TRP A 74 -18.72 18.70 -36.84
C TRP A 74 -20.18 18.44 -36.54
N PRO A 75 -20.96 18.20 -37.58
CA PRO A 75 -22.27 17.62 -37.37
C PRO A 75 -22.09 16.18 -36.89
N PRO A 76 -22.86 15.78 -35.88
CA PRO A 76 -22.80 14.39 -35.43
C PRO A 76 -23.07 13.43 -36.56
N HIS A 77 -22.65 12.18 -36.40
CA HIS A 77 -22.99 11.09 -37.32
C HIS A 77 -22.87 11.44 -38.78
N THR A 78 -21.91 12.31 -39.10
CA THR A 78 -21.67 12.71 -40.45
C THR A 78 -20.36 12.14 -41.01
N ARG A 79 -20.43 11.67 -42.24
CA ARG A 79 -19.24 11.24 -42.96
C ARG A 79 -18.43 12.44 -43.39
N VAL A 80 -17.15 12.46 -43.04
CA VAL A 80 -16.24 13.51 -43.49
C VAL A 80 -15.19 12.87 -44.35
N SER A 81 -14.85 13.51 -45.46
CA SER A 81 -13.73 13.07 -46.29
C SER A 81 -12.75 14.24 -46.49
N VAL A 82 -11.45 13.97 -46.40
CA VAL A 82 -10.46 15.04 -46.58
C VAL A 82 -9.71 14.81 -47.87
N GLY A 83 -9.68 15.85 -48.71
CA GLY A 83 -8.94 15.81 -49.95
C GLY A 83 -7.67 16.61 -49.72
N VAL A 84 -6.53 15.98 -49.95
CA VAL A 84 -5.26 16.65 -49.84
C VAL A 84 -4.45 16.13 -51.01
N GLN A 85 -4.21 17.01 -51.97
CA GLN A 85 -3.60 16.64 -53.24
C GLN A 85 -4.32 15.52 -54.01
N GLU A 86 -3.57 14.49 -54.36
CA GLU A 86 -4.13 13.44 -55.20
C GLU A 86 -4.70 12.36 -54.33
N LEU A 87 -4.70 12.61 -53.03
CA LEU A 87 -5.21 11.70 -52.03
C LEU A 87 -6.51 12.18 -51.36
N THR A 88 -7.44 11.26 -51.15
CA THR A 88 -8.67 11.50 -50.37
C THR A 88 -8.80 10.48 -49.23
N GLU A 89 -9.08 10.94 -48.02
CA GLU A 89 -9.43 10.01 -46.94
C GLU A 89 -10.64 10.49 -46.16
N GLY A 90 -11.35 9.56 -45.53
CA GLY A 90 -12.58 9.92 -44.84
C GLY A 90 -12.83 9.22 -43.54
N PHE A 91 -13.53 9.90 -42.64
CA PHE A 91 -13.81 9.36 -41.31
C PHE A 91 -15.26 9.64 -40.95
N GLU A 92 -15.66 9.18 -39.77
CA GLU A 92 -17.03 9.41 -39.30
C GLU A 92 -17.04 10.19 -37.99
N THR A 93 -18.11 10.93 -37.75
CA THR A 93 -18.35 11.52 -36.43
C THR A 93 -19.43 10.73 -35.70
N GLY A 94 -19.31 10.60 -34.39
CA GLY A 94 -20.31 9.88 -33.62
C GLY A 94 -21.22 10.83 -32.88
N ASP A 95 -21.62 10.45 -31.67
CA ASP A 95 -22.48 11.28 -30.83
C ASP A 95 -21.86 12.62 -30.52
N ALA A 96 -22.68 13.62 -30.25
CA ALA A 96 -22.16 14.90 -29.84
C ALA A 96 -22.08 14.94 -28.32
N LEU A 97 -20.90 14.56 -27.82
CA LEU A 97 -20.67 14.48 -26.39
C LEU A 97 -19.80 15.64 -25.99
N ILE A 98 -20.33 16.52 -25.17
CA ILE A 98 -19.61 17.75 -24.90
C ILE A 98 -19.35 17.92 -23.43
N GLY A 99 -18.10 18.25 -23.10
CA GLY A 99 -17.71 18.54 -21.74
C GLY A 99 -17.35 20.00 -21.57
N VAL A 100 -17.79 20.58 -20.47
CA VAL A 100 -17.50 21.99 -20.21
C VAL A 100 -16.93 22.17 -18.81
N ALA A 101 -15.75 22.76 -18.73
CA ALA A 101 -15.11 22.99 -17.44
C ALA A 101 -15.20 24.45 -17.03
N SER A 102 -15.82 24.66 -15.89
CA SER A 102 -15.98 25.98 -15.31
C SER A 102 -15.07 26.18 -14.12
N ILE A 103 -14.17 27.15 -14.23
CA ILE A 103 -13.33 27.50 -13.09
C ILE A 103 -14.16 27.95 -11.92
N SER A 104 -15.11 28.83 -12.20
CA SER A 104 -15.92 29.50 -11.20
C SER A 104 -17.01 28.64 -10.61
N ALA A 105 -17.52 27.69 -11.37
CA ALA A 105 -18.60 26.83 -10.88
C ALA A 105 -17.98 25.58 -10.28
N HIS A 106 -16.71 25.37 -10.63
CA HIS A 106 -15.92 24.27 -10.13
C HIS A 106 -16.54 22.97 -10.59
N THR A 107 -16.84 22.93 -11.88
CA THR A 107 -17.52 21.78 -12.45
C THR A 107 -16.91 21.31 -13.76
N PHE A 108 -17.12 20.04 -14.04
CA PHE A 108 -16.97 19.48 -15.37
C PHE A 108 -18.31 18.90 -15.75
N THR A 109 -18.93 19.51 -16.75
CA THR A 109 -20.25 19.09 -17.12
C THR A 109 -20.25 18.41 -18.48
N VAL A 110 -20.77 17.19 -18.49
CA VAL A 110 -20.77 16.39 -19.69
C VAL A 110 -22.17 16.18 -20.16
N SER A 111 -22.42 16.62 -21.37
CA SER A 111 -23.72 16.54 -22.01
C SER A 111 -23.50 15.61 -23.18
N ARG A 112 -24.56 15.03 -23.71
CA ARG A 112 -24.46 14.26 -24.93
C ARG A 112 -25.72 14.47 -25.72
N ASN A 113 -25.63 15.21 -26.83
CA ASN A 113 -26.78 15.53 -27.67
C ASN A 113 -27.83 16.30 -26.91
N GLY A 114 -27.46 17.51 -26.47
CA GLY A 114 -28.40 18.39 -25.82
C GLY A 114 -28.41 18.11 -24.34
N GLU A 115 -28.95 16.96 -23.98
CA GLU A 115 -29.17 16.63 -22.58
C GLU A 115 -27.84 16.44 -21.86
N VAL A 116 -27.80 16.90 -20.63
CA VAL A 116 -26.65 16.71 -19.77
C VAL A 116 -26.73 15.37 -19.06
N LEU A 117 -25.60 14.69 -18.98
CA LEU A 117 -25.56 13.38 -18.38
C LEU A 117 -25.06 13.49 -16.95
N ARG A 118 -24.10 14.39 -16.76
CA ARG A 118 -23.44 14.60 -15.48
C ARG A 118 -22.83 15.99 -15.42
N THR A 119 -23.17 16.71 -14.36
CA THR A 119 -22.41 17.86 -13.92
C THR A 119 -21.52 17.33 -12.81
N MET A 120 -20.23 17.24 -13.07
CA MET A 120 -19.31 16.69 -12.09
C MET A 120 -18.41 17.73 -11.50
N PRO A 121 -18.25 17.65 -10.19
CA PRO A 121 -17.28 18.47 -9.47
C PRO A 121 -15.89 18.23 -10.07
N ALA A 122 -15.11 19.29 -10.30
CA ALA A 122 -13.79 19.10 -10.87
C ALA A 122 -12.71 20.00 -10.23
N SER A 123 -11.47 19.52 -10.20
CA SER A 123 -10.38 20.37 -9.78
C SER A 123 -9.56 20.79 -10.98
N LEU A 124 -9.64 22.06 -11.31
CA LEU A 124 -9.13 22.59 -12.58
C LEU A 124 -7.86 23.38 -12.43
N GLY A 125 -6.75 22.69 -12.25
CA GLY A 125 -5.50 23.37 -11.98
C GLY A 125 -5.48 23.78 -10.54
N LYS A 126 -4.69 24.79 -10.23
CA LYS A 126 -4.67 25.32 -8.89
C LYS A 126 -4.74 26.82 -8.98
N PRO A 127 -5.20 27.49 -7.93
CA PRO A 127 -5.30 28.95 -8.00
C PRO A 127 -4.04 29.63 -8.53
N SER A 128 -2.89 28.96 -8.42
CA SER A 128 -1.65 29.46 -8.97
C SER A 128 -1.59 29.18 -10.47
N ARG A 129 -1.96 27.96 -10.85
CA ARG A 129 -2.03 27.62 -12.24
C ARG A 129 -3.34 26.88 -12.50
N PRO A 130 -4.41 27.64 -12.73
CA PRO A 130 -5.70 27.00 -13.02
C PRO A 130 -5.74 26.51 -14.46
N THR A 131 -6.78 25.75 -14.79
CA THR A 131 -6.92 25.20 -16.14
C THR A 131 -7.09 26.32 -17.17
N PRO A 132 -6.22 26.30 -18.20
CA PRO A 132 -6.15 27.32 -19.26
C PRO A 132 -7.43 27.40 -20.04
N ILE A 133 -7.96 28.60 -20.20
CA ILE A 133 -9.16 28.76 -20.99
C ILE A 133 -8.92 28.48 -22.47
N GLY A 134 -9.81 27.65 -23.03
CA GLY A 134 -9.77 27.32 -24.43
C GLY A 134 -10.87 26.35 -24.83
N SER A 135 -10.84 25.99 -26.11
CA SER A 135 -11.76 25.03 -26.65
C SER A 135 -10.93 23.94 -27.29
N PHE A 136 -10.98 22.75 -26.70
CA PHE A 136 -10.11 21.64 -27.10
C PHE A 136 -10.93 20.38 -27.37
N HIS A 137 -10.20 19.32 -27.67
CA HIS A 137 -10.74 17.98 -27.75
C HIS A 137 -9.89 16.92 -27.00
N ALA A 138 -10.54 15.83 -26.64
CA ALA A 138 -9.85 14.68 -26.12
C ALA A 138 -8.86 14.19 -27.17
N MET A 139 -7.58 14.19 -26.81
CA MET A 139 -6.55 13.78 -27.76
C MET A 139 -6.25 12.27 -27.69
N SER A 140 -6.36 11.66 -26.50
CA SER A 140 -6.04 10.25 -26.29
C SER A 140 -6.61 9.71 -24.97
N LYS A 141 -6.69 8.39 -24.87
CA LYS A 141 -7.11 7.69 -23.64
C LYS A 141 -6.00 6.76 -23.14
N GLU A 142 -5.60 6.93 -21.87
CA GLU A 142 -4.64 6.05 -21.18
C GLU A 142 -5.16 5.62 -19.80
N ARG A 143 -5.27 4.31 -19.58
CA ARG A 143 -5.89 3.80 -18.36
C ARG A 143 -5.21 4.26 -17.09
N THR A 144 -3.88 4.22 -17.09
CA THR A 144 -3.07 4.82 -16.04
C THR A 144 -1.89 5.52 -16.69
N VAL A 145 -1.49 6.66 -16.14
CA VAL A 145 -0.29 7.31 -16.63
C VAL A 145 0.51 7.91 -15.47
N VAL A 146 1.80 7.65 -15.47
CA VAL A 146 2.68 8.18 -14.44
C VAL A 146 3.23 9.54 -14.86
N MET A 147 3.07 10.50 -13.97
CA MET A 147 3.51 11.87 -14.20
C MET A 147 4.63 12.28 -13.26
N ASP A 148 5.85 12.35 -13.80
CA ASP A 148 7.02 12.75 -13.04
C ASP A 148 7.51 14.15 -13.48
N SER A 149 7.48 15.13 -12.58
CA SER A 149 7.91 16.48 -12.94
C SER A 149 9.38 16.56 -13.29
N ARG A 150 10.12 15.53 -12.90
CA ARG A 150 11.54 15.46 -13.19
C ARG A 150 11.78 15.23 -14.67
N THR A 151 10.78 14.65 -15.32
CA THR A 151 10.81 14.35 -16.76
C THR A 151 10.80 15.58 -17.67
N ILE A 152 10.32 16.70 -17.15
CA ILE A 152 10.31 17.95 -17.91
C ILE A 152 11.05 19.04 -17.15
N GLY A 153 11.90 18.65 -16.21
CA GLY A 153 12.79 19.58 -15.55
C GLY A 153 12.28 20.20 -14.26
N ILE A 154 11.33 19.57 -13.59
CA ILE A 154 10.83 20.16 -12.34
C ILE A 154 11.04 19.26 -11.11
N PRO A 155 11.80 19.79 -10.14
CA PRO A 155 12.14 19.06 -8.91
C PRO A 155 10.94 18.71 -8.05
N LEU A 156 11.11 17.74 -7.18
CA LEU A 156 10.00 17.21 -6.39
C LEU A 156 9.80 18.05 -5.15
N ASN A 157 10.81 18.83 -4.81
CA ASN A 157 10.73 19.67 -3.63
C ASN A 157 10.02 20.98 -3.93
N SER A 158 9.57 21.14 -5.17
CA SER A 158 8.76 22.30 -5.53
C SER A 158 7.28 22.08 -5.20
N SER A 159 6.57 23.18 -4.91
CA SER A 159 5.12 23.17 -4.71
C SER A 159 4.37 22.80 -5.98
N ASP A 160 4.98 23.08 -7.12
CA ASP A 160 4.42 22.73 -8.42
C ASP A 160 5.04 21.43 -8.94
N GLY A 161 5.65 20.68 -8.03
CA GLY A 161 6.26 19.40 -8.33
C GLY A 161 5.38 18.22 -7.96
N TYR A 162 5.61 17.08 -8.60
CA TYR A 162 4.77 15.90 -8.44
C TYR A 162 5.44 14.62 -8.91
N LEU A 163 4.91 13.50 -8.41
CA LEU A 163 5.20 12.16 -8.90
C LEU A 163 3.98 11.33 -8.55
N LEU A 164 3.14 11.09 -9.55
CA LEU A 164 1.95 10.28 -9.35
C LEU A 164 1.55 9.52 -10.59
N THR A 165 0.68 8.54 -10.36
CA THR A 165 0.07 7.75 -11.40
C THR A 165 -1.34 8.26 -11.53
N ALA A 166 -1.68 8.75 -12.72
CA ALA A 166 -3.02 9.22 -13.01
C ALA A 166 -3.82 8.07 -13.60
N HIS A 167 -5.05 7.92 -13.17
CA HIS A 167 -5.89 6.85 -13.66
C HIS A 167 -7.00 7.45 -14.50
N TYR A 168 -7.34 6.77 -15.59
CA TYR A 168 -8.37 7.23 -16.52
C TYR A 168 -8.03 8.62 -17.04
N ALA A 169 -6.91 8.73 -17.74
CA ALA A 169 -6.38 10.02 -18.14
C ALA A 169 -6.73 10.29 -19.57
N VAL A 170 -7.40 11.41 -19.78
CA VAL A 170 -7.74 11.87 -21.11
C VAL A 170 -6.92 13.12 -21.44
N ARG A 171 -6.08 13.04 -22.47
CA ARG A 171 -5.24 14.15 -22.85
C ARG A 171 -6.06 15.25 -23.44
N VAL A 172 -5.98 16.45 -22.88
CA VAL A 172 -6.75 17.59 -23.39
C VAL A 172 -5.94 18.40 -24.42
N THR A 173 -4.73 18.78 -24.03
CA THR A 173 -3.85 19.58 -24.86
C THR A 173 -2.52 18.87 -25.04
N TRP A 174 -1.78 19.25 -26.08
CA TRP A 174 -0.41 18.80 -26.28
C TRP A 174 0.43 19.16 -25.06
N SER A 175 0.09 20.29 -24.47
CA SER A 175 0.86 20.94 -23.43
C SER A 175 0.70 20.31 -22.06
N GLY A 176 -0.07 19.22 -21.99
CA GLY A 176 -0.08 18.40 -20.79
C GLY A 176 -1.30 18.41 -19.90
N VAL A 177 -2.40 18.99 -20.34
CA VAL A 177 -3.61 18.93 -19.51
C VAL A 177 -4.22 17.55 -19.67
N TYR A 178 -4.65 16.96 -18.56
CA TYR A 178 -5.25 15.64 -18.60
C TYR A 178 -6.45 15.69 -17.72
N VAL A 179 -7.52 15.03 -18.14
CA VAL A 179 -8.59 14.74 -17.22
C VAL A 179 -8.35 13.36 -16.62
N HIS A 180 -8.19 13.29 -15.31
CA HIS A 180 -7.86 12.04 -14.61
C HIS A 180 -8.29 11.97 -13.15
N ALA A 192 -8.17 20.80 -4.42
CA ALA A 192 -7.13 19.83 -4.80
C ALA A 192 -6.00 20.49 -5.58
N ASN A 193 -4.80 20.40 -5.02
CA ASN A 193 -3.64 21.13 -5.52
C ASN A 193 -3.01 20.45 -6.71
N VAL A 194 -3.67 20.61 -7.85
CA VAL A 194 -3.24 19.99 -9.11
C VAL A 194 -2.36 20.95 -9.89
N SER A 195 -1.32 20.41 -10.51
CA SER A 195 -0.33 21.21 -11.26
C SER A 195 -0.52 20.96 -12.74
N HIS A 196 0.21 21.71 -13.58
CA HIS A 196 0.19 21.59 -15.06
C HIS A 196 -1.16 21.98 -15.70
N GLY A 197 -2.12 22.39 -14.87
CA GLY A 197 -3.42 22.87 -15.28
C GLY A 197 -4.45 21.78 -15.39
N CYS A 198 -4.00 20.55 -15.17
CA CYS A 198 -4.85 19.37 -15.31
C CYS A 198 -6.17 19.36 -14.53
N ILE A 199 -7.08 18.51 -14.99
CA ILE A 199 -8.44 18.43 -14.46
C ILE A 199 -8.60 17.19 -13.59
N ASN A 200 -8.89 17.39 -12.30
CA ASN A 200 -9.04 16.23 -11.43
C ASN A 200 -10.48 15.97 -10.99
N LEU A 201 -10.88 14.71 -11.12
CA LEU A 201 -12.22 14.28 -10.78
C LEU A 201 -12.12 13.14 -9.78
N SER A 202 -13.25 12.72 -9.24
CA SER A 202 -13.28 11.52 -8.42
C SER A 202 -13.03 10.33 -9.32
N PRO A 203 -12.69 9.17 -8.73
CA PRO A 203 -12.50 8.00 -9.59
C PRO A 203 -13.78 7.55 -10.28
N ASP A 204 -14.91 7.67 -9.60
CA ASP A 204 -16.18 7.26 -10.20
C ASP A 204 -16.47 8.11 -11.44
N ASN A 205 -16.33 9.41 -11.30
CA ASN A 205 -16.56 10.34 -12.41
C ASN A 205 -15.52 10.29 -13.49
N ALA A 206 -14.26 10.16 -13.11
CA ALA A 206 -13.19 10.02 -14.10
C ALA A 206 -13.32 8.71 -14.88
N ALA A 207 -13.79 7.65 -14.22
CA ALA A 207 -14.00 6.36 -14.89
C ALA A 207 -15.11 6.44 -15.93
N TRP A 208 -16.21 7.09 -15.55
CA TRP A 208 -17.34 7.26 -16.44
C TRP A 208 -17.00 8.09 -17.67
N TYR A 209 -16.38 9.25 -17.44
CA TYR A 209 -16.02 10.13 -18.55
C TYR A 209 -15.08 9.40 -19.50
N PHE A 210 -14.15 8.63 -18.93
CA PHE A 210 -13.25 7.78 -19.68
C PHE A 210 -14.05 6.77 -20.49
N ASP A 211 -15.09 6.22 -19.88
CA ASP A 211 -15.98 5.28 -20.58
C ASP A 211 -16.81 5.99 -21.62
N ALA A 212 -17.26 7.19 -21.26
CA ALA A 212 -18.17 7.94 -22.11
C ALA A 212 -17.44 8.56 -23.28
N VAL A 213 -16.21 9.00 -23.06
CA VAL A 213 -15.57 9.89 -24.02
C VAL A 213 -15.01 9.04 -25.17
N THR A 214 -14.80 9.68 -26.33
CA THR A 214 -14.16 9.04 -27.46
C THR A 214 -13.15 10.07 -28.02
N VAL A 215 -12.14 9.62 -28.74
CA VAL A 215 -11.21 10.57 -29.35
C VAL A 215 -11.98 11.59 -30.20
N GLY A 216 -11.72 12.87 -29.99
CA GLY A 216 -12.39 13.93 -30.74
C GLY A 216 -13.37 14.79 -29.97
N ASP A 217 -14.00 14.22 -28.96
CA ASP A 217 -15.04 14.93 -28.23
C ASP A 217 -14.55 16.28 -27.78
N PRO A 218 -15.45 17.28 -27.80
CA PRO A 218 -15.12 18.64 -27.37
C PRO A 218 -14.90 18.73 -25.88
N ILE A 219 -13.79 19.36 -25.51
CA ILE A 219 -13.59 19.74 -24.12
C ILE A 219 -13.46 21.26 -24.12
N GLU A 220 -14.34 21.92 -23.37
CA GLU A 220 -14.38 23.37 -23.34
C GLU A 220 -13.99 23.92 -21.99
N VAL A 221 -12.97 24.77 -22.00
CA VAL A 221 -12.55 25.43 -20.79
C VAL A 221 -13.01 26.86 -20.85
N VAL A 222 -13.88 27.24 -19.93
CA VAL A 222 -14.42 28.59 -19.91
C VAL A 222 -14.53 29.05 -18.47
N GLY A 223 -15.33 30.09 -18.23
CA GLY A 223 -15.64 30.52 -16.89
C GLY A 223 -16.61 29.62 -16.14
N PRO B 7 23.32 22.43 1.28
CA PRO B 7 22.09 21.82 0.77
C PRO B 7 22.18 21.65 -0.74
N ILE B 8 21.48 20.69 -1.31
CA ILE B 8 20.63 19.77 -0.58
C ILE B 8 21.47 18.54 -0.25
N PRO B 9 21.17 17.86 0.87
CA PRO B 9 21.86 16.64 1.27
C PRO B 9 21.97 15.58 0.17
N GLY B 10 23.19 15.33 -0.31
CA GLY B 10 23.45 14.23 -1.23
C GLY B 10 22.98 12.92 -0.65
N VAL B 11 22.92 11.88 -1.46
CA VAL B 11 22.29 10.63 -1.06
C VAL B 11 23.32 9.52 -1.11
N ALA B 12 23.29 8.64 -0.13
CA ALA B 12 24.35 7.67 0.03
C ALA B 12 23.91 6.26 -0.32
N SER B 13 22.65 5.97 -0.06
CA SER B 13 22.10 4.67 -0.43
C SER B 13 20.58 4.68 -0.35
N VAL B 14 19.95 3.84 -1.17
CA VAL B 14 18.51 3.69 -1.13
C VAL B 14 18.16 2.21 -0.97
N SER B 15 17.36 1.86 0.02
CA SER B 15 16.94 0.48 0.18
C SER B 15 15.43 0.34 0.19
N PRO B 16 14.88 -0.74 -0.40
CA PRO B 16 15.47 -1.90 -1.09
C PRO B 16 16.30 -1.56 -2.33
N ALA B 17 17.24 -2.44 -2.67
CA ALA B 17 18.18 -2.25 -3.77
C ALA B 17 17.61 -2.48 -5.16
N ASN B 18 18.46 -2.29 -6.15
CA ASN B 18 18.04 -2.42 -7.53
C ASN B 18 17.82 -3.87 -7.91
N GLY B 19 16.72 -4.13 -8.62
CA GLY B 19 16.45 -5.47 -9.09
C GLY B 19 15.85 -6.30 -7.99
N ALA B 20 16.01 -5.81 -6.77
CA ALA B 20 15.64 -6.56 -5.56
C ALA B 20 14.16 -6.86 -5.48
N VAL B 21 13.85 -8.11 -5.17
CA VAL B 21 12.47 -8.53 -4.95
C VAL B 21 12.27 -8.73 -3.44
N VAL B 22 11.44 -7.89 -2.82
CA VAL B 22 11.31 -7.93 -1.37
C VAL B 22 9.90 -8.33 -0.97
N GLY B 23 9.65 -8.45 0.33
CA GLY B 23 8.34 -8.78 0.84
C GLY B 23 7.51 -7.54 1.07
N VAL B 24 6.30 -7.69 1.58
CA VAL B 24 5.38 -6.58 1.53
C VAL B 24 5.42 -5.67 2.75
N ALA B 25 6.38 -5.87 3.63
CA ALA B 25 6.50 -4.98 4.78
C ALA B 25 7.82 -4.23 4.75
N HIS B 26 8.60 -4.44 3.70
CA HIS B 26 9.89 -3.77 3.60
C HIS B 26 9.71 -2.25 3.46
N PRO B 27 10.29 -1.47 4.39
CA PRO B 27 10.20 -0.02 4.29
C PRO B 27 11.25 0.50 3.34
N VAL B 28 11.15 1.76 2.95
CA VAL B 28 12.15 2.37 2.10
C VAL B 28 13.07 3.17 3.00
N VAL B 29 14.38 3.00 2.84
CA VAL B 29 15.31 3.73 3.66
C VAL B 29 16.30 4.49 2.79
N VAL B 30 16.36 5.80 2.95
CA VAL B 30 17.22 6.60 2.10
C VAL B 30 18.35 7.17 2.96
N THR B 31 19.58 7.00 2.50
CA THR B 31 20.73 7.44 3.25
C THR B 31 21.43 8.66 2.63
N PHE B 32 21.60 9.70 3.44
CA PHE B 32 22.21 10.93 2.96
C PHE B 32 23.64 11.10 3.46
N THR B 33 24.42 11.88 2.72
CA THR B 33 25.87 11.96 2.87
C THR B 33 26.26 12.99 3.97
N THR B 34 25.26 13.39 4.75
CA THR B 34 25.45 14.27 5.89
C THR B 34 24.17 14.17 6.69
N PRO B 35 24.06 14.88 7.83
CA PRO B 35 22.70 14.98 8.40
C PRO B 35 22.01 16.27 8.03
N ASP B 38 17.20 20.69 7.15
CA ASP B 38 15.76 20.52 7.35
C ASP B 38 15.26 19.27 6.63
N ARG B 39 14.53 18.47 7.37
CA ARG B 39 14.03 17.19 6.88
C ARG B 39 12.79 17.31 5.99
N ARG B 40 11.97 18.32 6.23
CA ARG B 40 10.81 18.50 5.37
C ARG B 40 11.22 18.73 3.93
N ALA B 41 12.42 19.25 3.70
CA ALA B 41 12.87 19.56 2.36
C ALA B 41 13.38 18.34 1.61
N VAL B 42 13.91 17.36 2.32
CA VAL B 42 14.38 16.16 1.66
C VAL B 42 13.25 15.15 1.55
N GLU B 43 12.27 15.28 2.42
CA GLU B 43 11.07 14.47 2.31
C GLU B 43 10.31 14.77 1.03
N ARG B 44 10.14 16.05 0.76
CA ARG B 44 9.39 16.51 -0.38
C ARG B 44 10.10 16.18 -1.68
N SER B 45 11.41 15.99 -1.64
CA SER B 45 12.17 15.62 -2.83
C SER B 45 12.17 14.09 -2.96
N ILE B 46 11.37 13.42 -2.14
CA ILE B 46 11.20 11.98 -2.23
C ILE B 46 9.71 11.69 -2.37
N ARG B 47 9.39 10.72 -3.22
CA ARG B 47 8.01 10.30 -3.43
C ARG B 47 7.97 8.83 -3.89
N ILE B 48 6.96 8.10 -3.44
CA ILE B 48 6.82 6.67 -3.76
C ILE B 48 5.84 6.39 -4.89
N SER B 49 6.34 5.79 -5.96
CA SER B 49 5.51 5.59 -7.13
C SER B 49 4.96 4.14 -7.21
N THR B 50 3.66 4.01 -7.09
CA THR B 50 2.95 2.73 -7.05
C THR B 50 1.81 2.79 -8.11
N PRO B 51 1.42 1.62 -8.68
CA PRO B 51 0.28 1.62 -9.62
C PRO B 51 -0.94 2.23 -9.00
N HIS B 52 -1.03 2.13 -7.68
CA HIS B 52 -2.14 2.73 -6.99
C HIS B 52 -1.74 3.64 -5.91
N ASN B 53 -0.50 4.12 -6.03
CA ASN B 53 0.00 5.20 -5.18
C ASN B 53 -0.22 5.09 -3.70
N THR B 54 0.46 4.11 -3.18
CA THR B 54 0.42 3.76 -1.78
C THR B 54 0.95 4.91 -0.96
N THR B 55 0.22 5.23 0.09
CA THR B 55 0.50 6.28 1.02
C THR B 55 1.22 5.69 2.22
N GLY B 56 1.95 6.53 2.91
CA GLY B 56 2.69 6.10 4.07
C GLY B 56 3.23 7.25 4.89
N HIS B 57 4.14 6.93 5.80
CA HIS B 57 4.69 7.93 6.68
C HIS B 57 6.18 7.83 6.88
N PHE B 58 6.73 8.94 7.36
CA PHE B 58 8.14 9.09 7.65
C PHE B 58 8.49 8.74 9.10
N GLU B 59 9.62 8.06 9.27
CA GLU B 59 10.19 7.70 10.56
C GLU B 59 11.66 7.99 10.54
N TRP B 60 12.15 8.72 11.53
CA TRP B 60 13.59 8.94 11.65
C TRP B 60 14.23 8.10 12.76
N ASN B 64 20.87 12.45 9.56
CA ASN B 64 21.06 11.02 9.71
C ASN B 64 20.40 10.17 8.61
N VAL B 65 19.40 9.38 8.97
CA VAL B 65 18.74 8.47 8.01
C VAL B 65 17.19 8.42 8.16
N VAL B 66 16.45 8.63 7.07
CA VAL B 66 15.00 8.54 7.14
C VAL B 66 14.43 7.32 6.40
N ARG B 67 13.38 6.73 6.97
CA ARG B 67 12.71 5.61 6.36
C ARG B 67 11.23 5.88 6.21
N TRP B 68 10.66 5.22 5.23
CA TRP B 68 9.28 5.46 4.84
C TRP B 68 8.46 4.18 4.94
N VAL B 69 7.36 4.23 5.69
CA VAL B 69 6.55 3.03 5.90
C VAL B 69 5.24 3.09 5.13
N PRO B 70 4.92 2.04 4.37
CA PRO B 70 3.64 1.98 3.66
C PRO B 70 2.45 1.87 4.61
N HIS B 71 1.32 2.49 4.30
CA HIS B 71 0.15 2.44 5.19
C HIS B 71 -0.46 1.05 5.29
N ARG B 72 -0.60 0.36 4.16
CA ARG B 72 -1.16 -0.99 4.17
C ARG B 72 -0.25 -2.00 3.50
N TYR B 73 0.95 -2.22 4.04
CA TYR B 73 1.94 -3.08 3.40
C TYR B 73 2.17 -2.55 2.00
N TRP B 74 2.85 -3.32 1.17
CA TRP B 74 2.92 -2.94 -0.22
C TRP B 74 1.79 -3.69 -0.89
N PRO B 75 1.32 -3.18 -2.02
CA PRO B 75 0.44 -4.00 -2.85
C PRO B 75 1.25 -5.16 -3.38
N PRO B 76 0.70 -6.36 -3.29
CA PRO B 76 1.43 -7.51 -3.80
C PRO B 76 1.78 -7.43 -5.28
N HIS B 77 2.85 -8.13 -5.64
CA HIS B 77 3.30 -8.33 -7.02
C HIS B 77 3.30 -7.10 -7.92
N THR B 78 3.45 -5.96 -7.29
CA THR B 78 3.47 -4.70 -7.98
C THR B 78 4.88 -4.10 -7.99
N ARG B 79 5.21 -3.53 -9.13
CA ARG B 79 6.44 -2.78 -9.32
C ARG B 79 6.34 -1.47 -8.56
N VAL B 80 7.33 -1.18 -7.73
CA VAL B 80 7.37 0.09 -7.00
C VAL B 80 8.60 0.84 -7.48
N SER B 81 8.46 2.14 -7.70
CA SER B 81 9.62 2.96 -7.99
C SER B 81 9.69 4.11 -6.98
N VAL B 82 10.89 4.38 -6.49
CA VAL B 82 11.12 5.47 -5.55
C VAL B 82 11.94 6.56 -6.22
N GLY B 83 11.48 7.79 -6.11
CA GLY B 83 12.21 8.91 -6.66
C GLY B 83 12.94 9.60 -5.55
N VAL B 84 14.25 9.75 -5.72
CA VAL B 84 15.05 10.44 -4.73
C VAL B 84 15.98 11.42 -5.43
N GLN B 85 15.66 12.70 -5.34
CA GLN B 85 16.40 13.76 -6.04
C GLN B 85 16.58 13.51 -7.53
N GLU B 89 15.46 4.41 -8.15
CA GLU B 89 15.57 2.97 -7.98
C GLU B 89 14.21 2.33 -7.76
N GLY B 90 14.12 1.05 -8.12
CA GLY B 90 12.86 0.33 -8.05
C GLY B 90 13.02 -1.11 -7.63
N PHE B 91 11.99 -1.65 -7.00
CA PHE B 91 11.99 -3.05 -6.54
C PHE B 91 10.65 -3.73 -6.79
N GLU B 92 10.59 -5.02 -6.51
CA GLU B 92 9.37 -5.78 -6.67
C GLU B 92 8.94 -6.38 -5.35
N THR B 93 7.63 -6.50 -5.16
CA THR B 93 7.10 -7.29 -4.06
C THR B 93 6.60 -8.59 -4.64
N GLY B 94 6.76 -9.68 -3.89
CA GLY B 94 6.27 -10.97 -4.29
C GLY B 94 5.01 -11.27 -3.52
N ASP B 95 4.80 -12.52 -3.14
CA ASP B 95 3.62 -12.92 -2.37
C ASP B 95 3.52 -12.18 -1.05
N ALA B 96 2.28 -11.97 -0.59
CA ALA B 96 2.07 -11.36 0.69
C ALA B 96 2.06 -12.47 1.69
N LEU B 97 3.24 -12.74 2.22
CA LEU B 97 3.43 -13.83 3.16
C LEU B 97 3.57 -13.29 4.55
N ILE B 98 2.60 -13.59 5.40
CA ILE B 98 2.63 -13.00 6.70
C ILE B 98 2.60 -14.09 7.77
N GLY B 99 3.49 -13.96 8.73
CA GLY B 99 3.53 -14.86 9.86
C GLY B 99 3.07 -14.01 11.01
N VAL B 100 2.21 -14.58 11.83
CA VAL B 100 1.64 -13.83 12.93
C VAL B 100 1.78 -14.59 14.25
N ALA B 101 2.34 -13.94 15.26
CA ALA B 101 2.52 -14.56 16.58
C ALA B 101 1.47 -14.10 17.59
N SER B 102 0.74 -15.05 18.14
CA SER B 102 -0.26 -14.71 19.14
C SER B 102 0.21 -15.09 20.53
N ILE B 103 0.30 -14.10 21.41
CA ILE B 103 0.70 -14.39 22.79
C ILE B 103 -0.23 -15.38 23.49
N SER B 104 -1.52 -15.12 23.41
CA SER B 104 -2.48 -15.91 24.15
C SER B 104 -2.70 -17.27 23.50
N ALA B 105 -2.48 -17.33 22.20
CA ALA B 105 -2.65 -18.59 21.48
C ALA B 105 -1.32 -19.33 21.37
N HIS B 106 -0.23 -18.61 21.56
CA HIS B 106 1.11 -19.21 21.54
C HIS B 106 1.39 -19.81 20.19
N THR B 107 1.03 -19.11 19.13
CA THR B 107 1.13 -19.71 17.81
C THR B 107 1.84 -18.76 16.88
N PHE B 108 2.43 -19.33 15.85
CA PHE B 108 2.89 -18.55 14.74
C PHE B 108 2.13 -19.09 13.55
N THR B 109 1.29 -18.25 12.96
CA THR B 109 0.48 -18.66 11.82
C THR B 109 0.96 -17.91 10.59
N VAL B 110 1.24 -18.66 9.53
CA VAL B 110 1.84 -18.08 8.33
C VAL B 110 0.86 -18.11 7.14
N SER B 111 0.55 -16.93 6.60
CA SER B 111 -0.49 -16.81 5.55
C SER B 111 0.00 -16.40 4.15
N ARG B 112 -0.80 -16.72 3.14
CA ARG B 112 -0.59 -16.26 1.77
C ARG B 112 -1.88 -16.00 1.02
N VAL B 116 -2.79 -18.79 3.33
CA VAL B 116 -2.46 -19.50 4.54
C VAL B 116 -1.96 -20.93 4.28
N LEU B 117 -0.83 -21.27 4.90
CA LEU B 117 -0.22 -22.59 4.73
C LEU B 117 -0.02 -23.35 6.03
N ARG B 118 0.27 -22.64 7.10
CA ARG B 118 0.68 -23.31 8.34
C ARG B 118 0.39 -22.52 9.60
N THR B 119 -0.30 -23.15 10.54
CA THR B 119 -0.35 -22.71 11.92
C THR B 119 0.63 -23.51 12.80
N MET B 120 1.72 -22.90 13.24
CA MET B 120 2.69 -23.65 14.01
C MET B 120 2.79 -23.20 15.46
N PRO B 121 2.89 -24.18 16.37
CA PRO B 121 3.09 -23.96 17.81
C PRO B 121 4.30 -23.09 18.09
N ALA B 122 4.18 -22.11 18.99
CA ALA B 122 5.33 -21.25 19.27
C ALA B 122 5.48 -20.91 20.75
N SER B 123 6.72 -20.74 21.20
CA SER B 123 6.95 -20.19 22.53
C SER B 123 7.44 -18.76 22.35
N LEU B 124 6.63 -17.81 22.76
CA LEU B 124 6.86 -16.42 22.38
C LEU B 124 7.49 -15.58 23.48
N GLY B 125 8.79 -15.79 23.68
CA GLY B 125 9.45 -15.20 24.81
C GLY B 125 9.19 -16.01 26.05
N LYS B 126 9.23 -15.34 27.18
CA LYS B 126 8.97 -15.95 28.45
C LYS B 126 7.92 -15.06 29.08
N PRO B 127 7.13 -15.61 30.02
CA PRO B 127 6.12 -14.81 30.70
C PRO B 127 6.68 -13.54 31.32
N SER B 128 7.97 -13.50 31.61
CA SER B 128 8.59 -12.29 32.17
C SER B 128 8.88 -11.28 31.08
N ARG B 129 9.42 -11.74 29.97
CA ARG B 129 9.65 -10.85 28.83
C ARG B 129 9.05 -11.48 27.59
N PRO B 130 7.78 -11.18 27.32
CA PRO B 130 7.21 -11.74 26.11
C PRO B 130 7.69 -10.98 24.87
N THR B 131 7.40 -11.55 23.73
CA THR B 131 7.74 -10.93 22.48
C THR B 131 6.97 -9.61 22.34
N PRO B 132 7.71 -8.50 22.13
CA PRO B 132 7.06 -7.18 22.01
C PRO B 132 6.11 -7.13 20.84
N ILE B 133 4.91 -6.65 21.14
CA ILE B 133 3.90 -6.43 20.13
C ILE B 133 4.27 -5.24 19.25
N GLY B 134 4.14 -5.45 17.95
CA GLY B 134 4.47 -4.43 16.98
C GLY B 134 4.18 -4.86 15.57
N SER B 135 4.62 -4.06 14.62
CA SER B 135 4.44 -4.38 13.23
C SER B 135 5.82 -4.47 12.61
N PHE B 136 6.21 -5.69 12.24
CA PHE B 136 7.58 -5.91 11.80
C PHE B 136 7.64 -6.60 10.45
N HIS B 137 8.88 -6.73 9.95
CA HIS B 137 9.19 -7.52 8.77
C HIS B 137 10.45 -8.34 8.95
N ALA B 138 10.57 -9.38 8.13
CA ALA B 138 11.80 -10.15 7.98
C ALA B 138 12.94 -9.29 7.47
N MET B 139 13.96 -9.12 8.28
CA MET B 139 15.12 -8.30 7.91
C MET B 139 16.31 -9.10 7.40
N SER B 140 16.52 -10.30 7.93
CA SER B 140 17.69 -11.09 7.57
C SER B 140 17.55 -12.57 7.84
N LYS B 141 18.31 -13.35 7.07
CA LYS B 141 18.37 -14.79 7.18
C LYS B 141 19.81 -15.28 7.37
N GLU B 142 20.02 -16.09 8.41
CA GLU B 142 21.28 -16.79 8.65
C GLU B 142 20.98 -18.23 8.94
N ARG B 143 21.66 -19.15 8.27
CA ARG B 143 21.38 -20.55 8.50
C ARG B 143 21.60 -20.89 9.98
N THR B 144 22.66 -20.32 10.56
CA THR B 144 22.90 -20.39 12.01
C THR B 144 23.40 -19.05 12.58
N VAL B 145 23.00 -18.78 13.81
CA VAL B 145 23.49 -17.61 14.57
C VAL B 145 23.72 -18.01 16.02
N VAL B 146 24.87 -17.59 16.56
CA VAL B 146 25.19 -17.80 17.96
C VAL B 146 24.60 -16.68 18.79
N MET B 147 23.89 -17.05 19.84
CA MET B 147 23.27 -16.07 20.70
C MET B 147 24.00 -16.11 22.05
N ASP B 148 24.88 -15.15 22.23
CA ASP B 148 25.69 -14.95 23.42
C ASP B 148 25.14 -13.73 24.16
N SER B 149 24.55 -13.93 25.33
CA SER B 149 24.03 -12.80 26.10
C SER B 149 25.14 -11.91 26.68
N ARG B 150 26.35 -12.44 26.74
CA ARG B 150 27.48 -11.65 27.22
C ARG B 150 27.85 -10.55 26.25
N THR B 151 27.60 -10.75 24.96
CA THR B 151 27.95 -9.72 23.98
C THR B 151 27.12 -8.47 24.15
N ILE B 152 25.98 -8.61 24.81
CA ILE B 152 25.08 -7.51 25.05
C ILE B 152 24.91 -7.30 26.54
N GLY B 153 25.90 -7.77 27.30
CA GLY B 153 26.04 -7.39 28.70
C GLY B 153 25.36 -8.24 29.74
N ILE B 154 25.01 -9.46 29.38
CA ILE B 154 24.37 -10.35 30.33
C ILE B 154 25.21 -11.61 30.51
N PRO B 155 25.71 -11.84 31.72
CA PRO B 155 26.58 -12.97 32.10
C PRO B 155 25.87 -14.30 31.90
N LEU B 156 26.59 -15.40 32.01
CA LEU B 156 26.03 -16.70 31.68
C LEU B 156 25.25 -17.26 32.86
N ASN B 157 25.51 -16.70 34.03
CA ASN B 157 24.89 -17.10 35.28
C ASN B 157 23.57 -16.41 35.56
N SER B 158 23.15 -15.56 34.63
CA SER B 158 21.90 -14.83 34.68
C SER B 158 20.69 -15.68 34.25
N SER B 159 19.52 -15.35 34.80
CA SER B 159 18.26 -15.98 34.39
C SER B 159 17.96 -15.66 32.95
N ASP B 160 18.38 -14.47 32.52
CA ASP B 160 18.22 -13.98 31.15
C ASP B 160 19.51 -14.15 30.34
N GLY B 161 20.42 -14.98 30.84
CA GLY B 161 21.69 -15.25 30.18
C GLY B 161 21.61 -16.55 29.40
N TYR B 162 22.44 -16.68 28.36
CA TYR B 162 22.37 -17.84 27.48
C TYR B 162 23.63 -17.94 26.67
N LEU B 163 23.89 -19.11 26.12
CA LEU B 163 24.91 -19.24 25.10
C LEU B 163 24.53 -20.46 24.25
N LEU B 164 23.96 -20.19 23.09
CA LEU B 164 23.55 -21.25 22.19
C LEU B 164 23.58 -20.90 20.69
N THR B 165 23.48 -21.92 19.86
CA THR B 165 23.50 -21.73 18.42
C THR B 165 22.05 -21.86 17.94
N ALA B 166 21.54 -20.79 17.36
CA ALA B 166 20.18 -20.78 16.83
C ALA B 166 20.16 -21.19 15.38
N HIS B 167 19.19 -22.01 15.05
CA HIS B 167 19.07 -22.54 13.71
C HIS B 167 17.88 -21.91 13.01
N TYR B 168 18.09 -21.61 11.73
CA TYR B 168 17.10 -20.99 10.87
C TYR B 168 16.57 -19.70 11.44
N ALA B 169 17.43 -18.70 11.63
CA ALA B 169 17.05 -17.50 12.37
C ALA B 169 16.67 -16.35 11.45
N VAL B 170 15.45 -15.87 11.63
CA VAL B 170 14.97 -14.72 10.88
C VAL B 170 14.95 -13.55 11.82
N ARG B 171 15.74 -12.54 11.51
CA ARG B 171 15.73 -11.40 12.38
C ARG B 171 14.52 -10.56 12.18
N VAL B 172 13.82 -10.32 13.27
CA VAL B 172 12.59 -9.55 13.30
C VAL B 172 12.87 -8.06 13.53
N THR B 173 13.67 -7.75 14.53
CA THR B 173 13.95 -6.36 14.85
C THR B 173 15.43 -6.09 14.86
N TRP B 174 15.81 -4.81 14.68
CA TRP B 174 17.18 -4.37 14.87
C TRP B 174 17.62 -4.66 16.31
N SER B 175 16.64 -4.69 17.22
CA SER B 175 16.89 -4.85 18.64
C SER B 175 17.12 -6.31 19.00
N GLY B 176 17.10 -7.18 17.99
CA GLY B 176 17.55 -8.54 18.19
C GLY B 176 16.54 -9.65 18.28
N VAL B 177 15.27 -9.37 17.99
CA VAL B 177 14.25 -10.42 18.00
C VAL B 177 14.43 -11.27 16.77
N TYR B 178 14.27 -12.58 16.96
CA TYR B 178 14.48 -13.54 15.90
C TYR B 178 13.34 -14.51 15.95
N VAL B 179 12.92 -14.99 14.79
CA VAL B 179 12.15 -16.21 14.75
C VAL B 179 13.19 -17.30 14.54
N HIS B 180 13.30 -18.24 15.47
CA HIS B 180 14.39 -19.23 15.38
C HIS B 180 14.06 -20.55 16.01
N SER B 181 15.03 -21.45 16.00
CA SER B 181 14.95 -22.65 16.79
C SER B 181 16.25 -22.83 17.54
N ALA B 182 16.11 -23.06 18.83
CA ALA B 182 17.25 -23.34 19.68
C ALA B 182 16.65 -24.01 20.89
N PRO B 183 17.46 -24.77 21.65
CA PRO B 183 17.00 -25.35 22.91
C PRO B 183 17.05 -24.32 24.04
N TRP B 184 15.97 -24.21 24.79
CA TRP B 184 15.90 -23.17 25.80
C TRP B 184 15.49 -23.68 27.16
N SER B 185 14.18 -23.88 27.32
CA SER B 185 13.51 -24.18 28.59
C SER B 185 14.41 -24.30 29.82
N ALA B 192 8.29 -22.67 27.66
CA ALA B 192 9.63 -22.60 27.08
C ALA B 192 10.23 -21.20 27.22
N ASN B 193 11.38 -21.16 27.90
CA ASN B 193 12.06 -19.96 28.36
C ASN B 193 12.96 -19.24 27.36
N VAL B 194 12.36 -18.55 26.39
CA VAL B 194 13.13 -17.86 25.34
C VAL B 194 13.43 -16.39 25.64
N SER B 195 14.68 -16.03 25.47
CA SER B 195 15.13 -14.68 25.70
C SER B 195 15.63 -14.06 24.37
N HIS B 196 15.70 -12.74 24.26
CA HIS B 196 14.92 -11.82 25.06
C HIS B 196 13.43 -12.12 24.93
N GLY B 197 12.90 -11.62 23.82
CA GLY B 197 11.54 -11.80 23.39
C GLY B 197 11.42 -12.68 22.15
N CYS B 198 12.54 -13.26 21.74
CA CYS B 198 12.61 -14.03 20.50
C CYS B 198 11.53 -15.09 20.34
N ILE B 199 11.30 -15.48 19.09
CA ILE B 199 10.22 -16.36 18.71
C ILE B 199 10.72 -17.77 18.43
N ASN B 200 10.31 -18.72 19.26
CA ASN B 200 10.82 -20.09 19.13
C ASN B 200 9.80 -21.03 18.56
N LEU B 201 10.27 -21.82 17.60
CA LEU B 201 9.49 -22.80 16.89
C LEU B 201 10.16 -24.17 17.04
N SER B 202 9.48 -25.22 16.58
CA SER B 202 10.07 -26.53 16.48
C SER B 202 11.17 -26.45 15.41
N PRO B 203 12.01 -27.49 15.29
CA PRO B 203 13.02 -27.44 14.23
C PRO B 203 12.43 -27.48 12.82
N ASP B 204 11.40 -28.30 12.67
CA ASP B 204 10.72 -28.47 11.40
C ASP B 204 10.02 -27.20 10.98
N ASN B 205 9.30 -26.62 11.92
CA ASN B 205 8.54 -25.40 11.64
C ASN B 205 9.45 -24.24 11.34
N ALA B 206 10.51 -24.09 12.13
CA ALA B 206 11.43 -22.99 11.94
C ALA B 206 12.15 -23.10 10.61
N ALA B 207 12.46 -24.32 10.20
CA ALA B 207 13.17 -24.50 8.94
C ALA B 207 12.32 -24.04 7.78
N TRP B 208 11.09 -24.50 7.76
CA TRP B 208 10.19 -24.20 6.64
C TRP B 208 9.89 -22.71 6.51
N TYR B 209 9.60 -22.07 7.63
CA TYR B 209 9.33 -20.65 7.61
C TYR B 209 10.54 -19.94 7.05
N PHE B 210 11.72 -20.42 7.42
CA PHE B 210 12.97 -19.91 6.87
C PHE B 210 12.99 -20.16 5.37
N ASP B 211 12.50 -21.32 4.96
CA ASP B 211 12.37 -21.65 3.55
C ASP B 211 11.31 -20.82 2.86
N ALA B 212 10.23 -20.57 3.60
CA ALA B 212 9.08 -19.86 3.09
C ALA B 212 9.34 -18.36 2.96
N VAL B 213 10.13 -17.84 3.89
CA VAL B 213 10.22 -16.40 4.10
C VAL B 213 11.15 -15.70 3.10
N THR B 214 10.88 -14.40 2.91
CA THR B 214 11.61 -13.49 2.04
C THR B 214 11.94 -12.26 2.84
N VAL B 215 13.07 -11.61 2.54
CA VAL B 215 13.37 -10.33 3.17
C VAL B 215 12.25 -9.36 2.90
N GLY B 216 11.66 -8.82 3.97
CA GLY B 216 10.57 -7.88 3.80
C GLY B 216 9.23 -8.38 4.25
N ASP B 217 9.00 -9.69 4.21
CA ASP B 217 7.69 -10.19 4.59
C ASP B 217 7.33 -9.70 5.98
N PRO B 218 6.07 -9.36 6.19
CA PRO B 218 5.54 -8.86 7.46
C PRO B 218 5.54 -9.87 8.59
N ILE B 219 6.06 -9.45 9.74
CA ILE B 219 5.95 -10.20 10.99
C ILE B 219 5.16 -9.38 11.99
N GLU B 220 4.06 -9.98 12.46
CA GLU B 220 3.16 -9.30 13.37
C GLU B 220 3.07 -10.01 14.71
N VAL B 221 3.35 -9.29 15.79
CA VAL B 221 3.21 -9.83 17.13
C VAL B 221 1.89 -9.36 17.66
N VAL B 222 1.02 -10.32 17.93
CA VAL B 222 -0.35 -10.05 18.34
C VAL B 222 -0.81 -11.03 19.41
N GLY B 223 -2.12 -11.21 19.52
CA GLY B 223 -2.69 -12.27 20.35
C GLY B 223 -2.97 -11.87 21.78
N SER C 13 -11.26 -30.47 -26.21
CA SER C 13 -10.73 -29.14 -25.89
C SER C 13 -10.46 -29.01 -24.41
N VAL C 14 -9.53 -28.11 -24.06
CA VAL C 14 -9.23 -27.80 -22.66
C VAL C 14 -9.28 -26.32 -22.30
N SER C 15 -10.02 -25.99 -21.24
CA SER C 15 -10.02 -24.63 -20.68
C SER C 15 -9.65 -24.70 -19.20
N PRO C 16 -8.98 -23.66 -18.66
CA PRO C 16 -8.55 -22.42 -19.34
C PRO C 16 -7.61 -22.70 -20.50
N ALA C 17 -7.60 -21.82 -21.49
CA ALA C 17 -6.82 -22.12 -22.67
C ALA C 17 -5.34 -21.91 -22.43
N ASN C 18 -4.54 -22.21 -23.43
CA ASN C 18 -3.11 -22.09 -23.31
C ASN C 18 -2.75 -20.62 -23.38
N GLY C 19 -1.83 -20.21 -22.52
CA GLY C 19 -1.32 -18.86 -22.48
C GLY C 19 -2.25 -18.00 -21.66
N ALA C 20 -3.48 -18.47 -21.47
CA ALA C 20 -4.53 -17.71 -20.81
C ALA C 20 -4.17 -17.47 -19.38
N VAL C 21 -4.31 -16.24 -18.92
CA VAL C 21 -4.07 -15.94 -17.52
C VAL C 21 -5.42 -15.69 -16.87
N VAL C 22 -5.85 -16.57 -15.97
CA VAL C 22 -7.19 -16.48 -15.41
C VAL C 22 -7.16 -16.15 -13.94
N GLY C 23 -8.34 -16.08 -13.32
CA GLY C 23 -8.45 -15.82 -11.89
C GLY C 23 -8.42 -17.11 -11.12
N VAL C 24 -8.50 -17.04 -9.80
CA VAL C 24 -8.10 -18.20 -9.01
C VAL C 24 -9.27 -19.12 -8.72
N ALA C 25 -10.39 -18.91 -9.38
CA ALA C 25 -11.50 -19.83 -9.19
C ALA C 25 -11.86 -20.56 -10.48
N HIS C 26 -11.14 -20.26 -11.56
CA HIS C 26 -11.44 -20.87 -12.85
C HIS C 26 -11.19 -22.37 -12.78
N PRO C 27 -12.22 -23.18 -13.05
CA PRO C 27 -12.03 -24.63 -13.06
C PRO C 27 -11.51 -25.04 -14.42
N VAL C 28 -11.08 -26.29 -14.52
CA VAL C 28 -10.62 -26.84 -15.77
C VAL C 28 -11.76 -27.63 -16.42
N VAL C 29 -11.98 -27.41 -17.71
CA VAL C 29 -13.04 -28.11 -18.42
C VAL C 29 -12.53 -28.87 -19.65
N VAL C 30 -12.85 -30.16 -19.71
CA VAL C 30 -12.36 -31.03 -20.77
C VAL C 30 -13.48 -31.54 -21.67
N THR C 31 -13.26 -31.45 -22.98
CA THR C 31 -14.18 -31.95 -23.99
C THR C 31 -13.59 -33.15 -24.74
N ARG C 40 -14.84 -42.88 -15.83
CA ARG C 40 -14.22 -43.10 -14.53
C ARG C 40 -12.77 -43.49 -14.79
N ALA C 41 -12.53 -44.01 -15.99
CA ALA C 41 -11.23 -44.43 -16.48
C ALA C 41 -10.46 -43.25 -17.06
N VAL C 42 -11.20 -42.25 -17.52
CA VAL C 42 -10.64 -41.07 -18.14
C VAL C 42 -10.23 -39.99 -17.13
N GLU C 43 -10.76 -40.04 -15.92
CA GLU C 43 -10.30 -39.16 -14.86
C GLU C 43 -8.82 -39.42 -14.59
N ARG C 44 -8.49 -40.70 -14.60
CA ARG C 44 -7.16 -41.20 -14.32
C ARG C 44 -6.17 -40.78 -15.39
N SER C 45 -6.66 -40.45 -16.59
CA SER C 45 -5.76 -39.98 -17.67
C SER C 45 -5.60 -38.44 -17.66
N ILE C 46 -6.12 -37.80 -16.63
CA ILE C 46 -5.95 -36.35 -16.48
C ILE C 46 -5.35 -36.05 -15.12
N ARG C 47 -4.49 -35.03 -15.06
CA ARG C 47 -3.89 -34.59 -13.81
C ARG C 47 -3.50 -33.10 -13.88
N ILE C 48 -3.62 -32.40 -12.76
CA ILE C 48 -3.31 -30.98 -12.66
C ILE C 48 -1.89 -30.70 -12.18
N SER C 49 -1.12 -30.00 -12.99
CA SER C 49 0.26 -29.75 -12.64
C SER C 49 0.39 -28.34 -12.02
N THR C 50 0.69 -28.33 -10.72
CA THR C 50 0.85 -27.14 -9.89
C THR C 50 2.09 -27.28 -9.00
N PRO C 51 2.69 -26.14 -8.63
CA PRO C 51 3.84 -26.13 -7.72
C PRO C 51 3.63 -26.79 -6.35
N HIS C 52 2.41 -26.81 -5.83
CA HIS C 52 2.21 -27.34 -4.48
C HIS C 52 1.14 -28.41 -4.43
N ASN C 53 0.97 -29.06 -5.57
CA ASN C 53 0.11 -30.22 -5.73
C ASN C 53 -1.33 -30.07 -5.23
N THR C 54 -2.04 -29.12 -5.84
CA THR C 54 -3.39 -28.74 -5.47
C THR C 54 -4.38 -29.87 -5.74
N THR C 55 -5.21 -30.13 -4.73
CA THR C 55 -6.22 -31.17 -4.76
C THR C 55 -7.54 -30.56 -5.21
N GLY C 56 -8.41 -31.38 -5.79
CA GLY C 56 -9.70 -30.91 -6.25
C GLY C 56 -10.63 -32.04 -6.64
N HIS C 57 -11.72 -31.72 -7.32
CA HIS C 57 -12.66 -32.77 -7.73
C HIS C 57 -13.19 -32.63 -9.14
N PHE C 58 -13.64 -33.75 -9.68
CA PHE C 58 -14.16 -33.82 -11.02
C PHE C 58 -15.65 -33.57 -10.92
N GLU C 59 -16.20 -32.82 -11.88
CA GLU C 59 -17.64 -32.53 -11.89
C GLU C 59 -18.20 -32.82 -13.26
N TRP C 60 -19.22 -33.66 -13.27
CA TRP C 60 -19.91 -34.00 -14.51
C TRP C 60 -21.22 -33.25 -14.58
N ASN C 64 -20.33 -37.08 -22.24
CA ASN C 64 -20.46 -35.82 -21.51
C ASN C 64 -19.13 -35.05 -21.42
N VAL C 65 -19.09 -34.11 -20.51
CA VAL C 65 -18.00 -33.18 -20.33
C VAL C 65 -17.64 -33.15 -18.86
N VAL C 66 -16.36 -33.26 -18.54
CA VAL C 66 -16.00 -33.23 -17.15
C VAL C 66 -15.26 -31.94 -16.87
N ARG C 67 -15.48 -31.38 -15.69
CA ARG C 67 -14.72 -30.22 -15.27
C ARG C 67 -14.11 -30.56 -13.91
N TRP C 68 -12.99 -29.94 -13.61
CA TRP C 68 -12.25 -30.25 -12.39
C TRP C 68 -12.14 -29.00 -11.54
N VAL C 69 -12.62 -29.09 -10.31
CA VAL C 69 -12.65 -27.92 -9.45
C VAL C 69 -11.61 -27.99 -8.36
N PRO C 70 -10.83 -26.91 -8.18
CA PRO C 70 -9.91 -26.88 -7.03
C PRO C 70 -10.76 -26.88 -5.76
N HIS C 71 -10.28 -27.49 -4.68
CA HIS C 71 -11.06 -27.62 -3.45
C HIS C 71 -11.30 -26.28 -2.75
N ARG C 72 -10.34 -25.38 -2.90
CA ARG C 72 -10.52 -24.01 -2.46
C ARG C 72 -10.36 -23.13 -3.69
N TYR C 73 -9.15 -22.66 -3.95
CA TYR C 73 -8.85 -21.80 -5.10
C TYR C 73 -7.55 -22.25 -5.75
N TRP C 74 -7.05 -21.45 -6.68
CA TRP C 74 -5.75 -21.71 -7.28
C TRP C 74 -4.73 -20.94 -6.49
N PRO C 75 -3.48 -21.37 -6.53
CA PRO C 75 -2.48 -20.44 -6.01
C PRO C 75 -2.39 -19.20 -6.87
N PRO C 76 -2.46 -18.04 -6.22
CA PRO C 76 -2.32 -16.78 -6.96
C PRO C 76 -0.98 -16.74 -7.70
N HIS C 77 -0.95 -15.97 -8.77
CA HIS C 77 0.25 -15.72 -9.59
C HIS C 77 1.07 -16.98 -9.92
N THR C 78 0.38 -18.11 -9.98
CA THR C 78 1.01 -19.38 -10.31
C THR C 78 0.59 -19.94 -11.66
N ARG C 79 1.58 -20.39 -12.43
CA ARG C 79 1.36 -21.10 -13.67
C ARG C 79 0.85 -22.51 -13.39
N VAL C 80 -0.25 -22.89 -14.01
CA VAL C 80 -0.82 -24.21 -13.83
C VAL C 80 -0.71 -24.91 -15.18
N SER C 81 -0.34 -26.18 -15.16
CA SER C 81 -0.32 -26.96 -16.38
C SER C 81 -1.27 -28.15 -16.21
N VAL C 82 -2.10 -28.41 -17.20
CA VAL C 82 -3.02 -29.54 -17.12
C VAL C 82 -2.65 -30.58 -18.17
N GLY C 83 -2.55 -31.82 -17.73
CA GLY C 83 -2.28 -32.94 -18.61
C GLY C 83 -3.51 -33.76 -18.90
N VAL C 84 -3.79 -33.95 -20.18
CA VAL C 84 -4.90 -34.77 -20.63
C VAL C 84 -4.37 -35.70 -21.72
N GLN C 85 -4.33 -36.98 -21.40
CA GLN C 85 -3.70 -38.00 -22.22
C GLN C 85 -2.21 -37.68 -22.47
N GLU C 86 -1.74 -37.68 -23.72
CA GLU C 86 -0.31 -37.50 -23.93
C GLU C 86 0.03 -36.03 -24.13
N LEU C 87 -0.97 -35.18 -24.02
CA LEU C 87 -0.80 -33.77 -24.30
C LEU C 87 -0.86 -32.97 -23.02
N THR C 88 -0.05 -31.92 -22.93
CA THR C 88 -0.09 -31.04 -21.76
C THR C 88 -0.38 -29.61 -22.18
N GLU C 89 -1.34 -28.93 -21.54
CA GLU C 89 -1.48 -27.49 -21.76
C GLU C 89 -1.73 -26.71 -20.47
N GLY C 90 -1.36 -25.43 -20.50
CA GLY C 90 -1.31 -24.61 -19.30
C GLY C 90 -1.76 -23.16 -19.36
N PHE C 91 -2.10 -22.66 -18.20
CA PHE C 91 -2.56 -21.28 -18.04
C PHE C 91 -1.94 -20.63 -16.80
N GLU C 92 -2.17 -19.35 -16.63
CA GLU C 92 -1.61 -18.68 -15.48
C GLU C 92 -2.68 -18.06 -14.62
N THR C 93 -2.38 -17.94 -13.34
CA THR C 93 -3.26 -17.22 -12.47
C THR C 93 -2.70 -15.81 -12.29
N GLY C 94 -3.59 -14.81 -12.27
CA GLY C 94 -3.18 -13.43 -12.10
C GLY C 94 -3.48 -13.02 -10.67
N ASP C 95 -3.89 -11.77 -10.48
CA ASP C 95 -4.25 -11.27 -9.16
C ASP C 95 -5.38 -12.08 -8.53
N ALA C 96 -5.39 -12.19 -7.21
CA ALA C 96 -6.49 -12.86 -6.54
C ALA C 96 -7.55 -11.86 -6.13
N LEU C 97 -8.56 -11.67 -6.97
CA LEU C 97 -9.60 -10.70 -6.66
C LEU C 97 -10.90 -11.38 -6.28
N ILE C 98 -11.30 -11.21 -5.03
CA ILE C 98 -12.43 -11.95 -4.56
C ILE C 98 -13.47 -10.93 -4.18
N GLY C 99 -14.68 -11.13 -4.69
CA GLY C 99 -15.81 -10.32 -4.34
C GLY C 99 -16.70 -11.27 -3.59
N VAL C 100 -17.31 -10.79 -2.51
CA VAL C 100 -18.21 -11.65 -1.76
C VAL C 100 -19.56 -10.97 -1.47
N ALA C 101 -20.66 -11.64 -1.79
CA ALA C 101 -22.02 -11.09 -1.63
C ALA C 101 -22.75 -11.59 -0.37
N SER C 102 -23.14 -10.64 0.48
CA SER C 102 -23.89 -10.94 1.70
C SER C 102 -25.33 -10.53 1.65
N ILE C 103 -26.22 -11.52 1.79
CA ILE C 103 -27.65 -11.25 1.87
C ILE C 103 -28.01 -10.38 3.07
N SER C 104 -27.46 -10.74 4.23
CA SER C 104 -27.81 -10.09 5.47
C SER C 104 -27.20 -8.71 5.60
N ALA C 105 -26.04 -8.53 4.97
CA ALA C 105 -25.41 -7.24 5.03
C ALA C 105 -25.76 -6.41 3.80
N HIS C 106 -26.24 -7.08 2.74
CA HIS C 106 -26.66 -6.43 1.50
C HIS C 106 -25.46 -5.76 0.86
N THR C 107 -24.35 -6.47 0.78
CA THR C 107 -23.11 -5.89 0.32
C THR C 107 -22.43 -6.74 -0.72
N PHE C 108 -21.63 -6.09 -1.56
CA PHE C 108 -20.68 -6.80 -2.37
C PHE C 108 -19.34 -6.18 -1.99
N THR C 109 -18.48 -7.00 -1.38
CA THR C 109 -17.17 -6.56 -0.92
C THR C 109 -16.09 -7.23 -1.72
N VAL C 110 -15.18 -6.43 -2.27
CA VAL C 110 -14.18 -6.97 -3.17
C VAL C 110 -12.76 -6.83 -2.63
N SER C 111 -12.03 -7.95 -2.55
CA SER C 111 -10.67 -7.91 -2.00
C SER C 111 -9.58 -8.11 -3.05
N ARG C 112 -8.42 -7.51 -2.78
CA ARG C 112 -7.24 -7.74 -3.58
C ARG C 112 -6.02 -7.67 -2.68
N ASN C 113 -5.51 -8.80 -2.22
CA ASN C 113 -5.98 -10.11 -2.65
C ASN C 113 -6.90 -10.93 -1.72
N GLY C 114 -6.66 -11.01 -0.40
CA GLY C 114 -5.79 -10.14 0.37
C GLY C 114 -6.62 -9.00 0.89
N GLU C 115 -6.12 -7.77 0.73
CA GLU C 115 -6.81 -6.60 1.28
C GLU C 115 -8.10 -6.29 0.51
N VAL C 116 -9.13 -5.82 1.22
CA VAL C 116 -10.39 -5.45 0.56
C VAL C 116 -10.31 -4.05 -0.04
N LEU C 117 -10.86 -3.89 -1.23
CA LEU C 117 -10.69 -2.63 -1.95
C LEU C 117 -11.91 -1.74 -1.84
N ARG C 118 -13.07 -2.36 -1.87
CA ARG C 118 -14.34 -1.68 -1.92
C ARG C 118 -15.39 -2.54 -1.27
N THR C 119 -16.09 -1.98 -0.29
CA THR C 119 -17.34 -2.54 0.16
C THR C 119 -18.47 -1.78 -0.50
N MET C 120 -19.22 -2.44 -1.37
CA MET C 120 -20.28 -1.75 -2.09
C MET C 120 -21.65 -2.20 -1.61
N PRO C 121 -22.55 -1.25 -1.37
CA PRO C 121 -23.93 -1.62 -1.05
C PRO C 121 -24.51 -2.48 -2.19
N ALA C 122 -25.24 -3.55 -1.90
CA ALA C 122 -25.73 -4.39 -2.99
C ALA C 122 -27.17 -4.85 -2.86
N SER C 123 -27.84 -5.02 -4.00
CA SER C 123 -29.15 -5.65 -4.04
C SER C 123 -28.98 -7.03 -4.63
N LEU C 124 -29.10 -8.03 -3.77
CA LEU C 124 -28.74 -9.39 -4.12
C LEU C 124 -29.98 -10.23 -4.39
N GLY C 125 -30.62 -9.98 -5.53
CA GLY C 125 -31.90 -10.57 -5.85
C GLY C 125 -33.02 -9.81 -5.18
N LYS C 126 -34.15 -10.46 -5.01
CA LYS C 126 -35.23 -9.83 -4.29
C LYS C 126 -35.72 -10.83 -3.27
N PRO C 127 -36.31 -10.37 -2.18
CA PRO C 127 -36.83 -11.27 -1.15
C PRO C 127 -37.69 -12.44 -1.64
N SER C 128 -38.28 -12.34 -2.83
CA SER C 128 -39.02 -13.46 -3.40
C SER C 128 -38.06 -14.45 -4.03
N ARG C 129 -37.08 -13.92 -4.76
CA ARG C 129 -35.99 -14.72 -5.32
C ARG C 129 -34.66 -14.03 -5.09
N PRO C 130 -33.99 -14.36 -3.98
CA PRO C 130 -32.67 -13.81 -3.67
C PRO C 130 -31.54 -14.46 -4.47
N THR C 131 -30.36 -13.87 -4.43
CA THR C 131 -29.18 -14.43 -5.08
C THR C 131 -28.79 -15.73 -4.40
N PRO C 132 -28.67 -16.82 -5.16
CA PRO C 132 -28.35 -18.12 -4.55
C PRO C 132 -27.01 -18.10 -3.83
N ILE C 133 -27.01 -18.66 -2.64
CA ILE C 133 -25.76 -18.82 -1.92
C ILE C 133 -24.90 -19.85 -2.63
N GLY C 134 -23.64 -19.49 -2.85
CA GLY C 134 -22.70 -20.38 -3.49
C GLY C 134 -21.32 -19.80 -3.69
N SER C 135 -20.48 -20.60 -4.32
CA SER C 135 -19.13 -20.18 -4.62
C SER C 135 -18.99 -20.23 -6.11
N PHE C 136 -18.84 -19.06 -6.73
CA PHE C 136 -18.86 -18.98 -8.18
C PHE C 136 -17.62 -18.29 -8.65
N HIS C 137 -17.52 -18.17 -9.96
CA HIS C 137 -16.46 -17.38 -10.57
C HIS C 137 -17.05 -16.48 -11.62
N ALA C 138 -16.35 -15.38 -11.90
CA ALA C 138 -16.66 -14.53 -13.04
C ALA C 138 -16.50 -15.35 -14.30
N MET C 139 -17.59 -15.54 -15.04
CA MET C 139 -17.57 -16.35 -16.24
C MET C 139 -17.34 -15.57 -17.54
N SER C 140 -17.82 -14.33 -17.59
CA SER C 140 -17.73 -13.52 -18.81
C SER C 140 -17.91 -12.03 -18.57
N LYS C 141 -17.44 -11.22 -19.53
CA LYS C 141 -17.60 -9.76 -19.50
C LYS C 141 -18.29 -9.19 -20.76
N GLU C 142 -19.38 -8.45 -20.56
CA GLU C 142 -20.07 -7.70 -21.63
C GLU C 142 -20.39 -6.28 -21.16
N ARG C 143 -19.96 -5.28 -21.93
CA ARG C 143 -20.17 -3.90 -21.52
C ARG C 143 -21.66 -3.57 -21.36
N THR C 144 -22.46 -4.05 -22.29
CA THR C 144 -23.92 -3.98 -22.16
C THR C 144 -24.53 -5.31 -22.53
N VAL C 145 -25.60 -5.67 -21.82
CA VAL C 145 -26.37 -6.85 -22.14
C VAL C 145 -27.87 -6.57 -21.95
N VAL C 146 -28.65 -6.94 -22.97
CA VAL C 146 -30.09 -6.78 -22.89
C VAL C 146 -30.70 -8.00 -22.20
N MET C 147 -31.52 -7.71 -21.20
CA MET C 147 -32.17 -8.73 -20.42
C MET C 147 -33.67 -8.72 -20.67
N ASP C 148 -34.10 -9.67 -21.49
CA ASP C 148 -35.47 -9.85 -21.89
C ASP C 148 -36.00 -11.10 -21.19
N SER C 149 -36.94 -10.95 -20.25
CA SER C 149 -37.46 -12.13 -19.56
C SER C 149 -38.27 -13.00 -20.51
N ARG C 150 -38.64 -12.42 -21.65
CA ARG C 150 -39.35 -13.12 -22.67
C ARG C 150 -38.49 -14.21 -23.27
N THR C 151 -37.18 -14.00 -23.18
CA THR C 151 -36.19 -14.93 -23.72
C THR C 151 -36.19 -16.28 -22.99
N ILE C 152 -36.71 -16.25 -21.77
CA ILE C 152 -36.79 -17.43 -20.92
C ILE C 152 -38.23 -17.74 -20.50
N GLY C 153 -39.21 -17.25 -21.27
CA GLY C 153 -40.58 -17.70 -21.13
C GLY C 153 -41.41 -16.94 -20.12
N ILE C 154 -40.97 -15.72 -19.80
CA ILE C 154 -41.65 -14.91 -18.80
C ILE C 154 -42.12 -13.62 -19.43
N PRO C 155 -43.44 -13.42 -19.46
CA PRO C 155 -44.07 -12.23 -20.04
C PRO C 155 -43.70 -10.95 -19.32
N LEU C 156 -44.05 -9.82 -19.92
CA LEU C 156 -43.66 -8.53 -19.39
C LEU C 156 -44.62 -8.09 -18.33
N ASN C 157 -45.78 -8.73 -18.30
CA ASN C 157 -46.80 -8.39 -17.33
C ASN C 157 -46.56 -9.12 -16.02
N SER C 158 -45.49 -9.90 -15.98
CA SER C 158 -45.06 -10.61 -14.78
C SER C 158 -44.39 -9.64 -13.83
N SER C 159 -44.55 -9.89 -12.54
CA SER C 159 -43.84 -9.10 -11.56
C SER C 159 -42.37 -9.36 -11.73
N ASP C 160 -42.08 -10.60 -12.13
CA ASP C 160 -40.71 -11.03 -12.35
C ASP C 160 -40.36 -10.96 -13.81
N GLY C 161 -41.14 -10.20 -14.57
CA GLY C 161 -40.87 -9.96 -15.98
C GLY C 161 -40.18 -8.62 -16.10
N TYR C 162 -39.35 -8.47 -17.13
CA TYR C 162 -38.50 -7.28 -17.25
C TYR C 162 -37.95 -7.16 -18.65
N LEU C 163 -37.54 -5.94 -18.99
CA LEU C 163 -36.83 -5.75 -20.23
C LEU C 163 -35.95 -4.49 -20.17
N LEU C 164 -34.68 -4.68 -19.87
CA LEU C 164 -33.76 -3.57 -19.90
C LEU C 164 -32.33 -3.97 -20.18
N THR C 165 -31.51 -2.95 -20.38
CA THR C 165 -30.12 -3.11 -20.71
C THR C 165 -29.26 -2.97 -19.47
N ALA C 166 -28.50 -4.02 -19.17
CA ALA C 166 -27.59 -4.03 -18.03
C ALA C 166 -26.24 -3.56 -18.44
N HIS C 167 -25.64 -2.73 -17.61
CA HIS C 167 -24.36 -2.15 -17.92
C HIS C 167 -23.32 -2.77 -17.01
N TYR C 168 -22.15 -3.05 -17.59
CA TYR C 168 -21.02 -3.66 -16.89
C TYR C 168 -21.41 -5.01 -16.28
N ALA C 169 -21.78 -5.97 -17.12
CA ALA C 169 -22.40 -7.22 -16.67
C ALA C 169 -21.43 -8.38 -16.56
N VAL C 170 -21.29 -8.88 -15.34
CA VAL C 170 -20.42 -10.01 -15.10
C VAL C 170 -21.28 -11.24 -14.80
N ARG C 171 -21.16 -12.21 -15.68
CA ARG C 171 -21.90 -13.45 -15.55
C ARG C 171 -21.29 -14.20 -14.43
N VAL C 172 -22.10 -14.59 -13.47
CA VAL C 172 -21.65 -15.28 -12.28
C VAL C 172 -21.72 -16.80 -12.45
N THR C 173 -22.91 -17.26 -12.81
CA THR C 173 -23.17 -18.69 -13.00
C THR C 173 -23.79 -18.85 -14.40
N TRP C 174 -23.75 -20.06 -14.95
CA TRP C 174 -24.31 -20.33 -16.29
C TRP C 174 -25.76 -19.89 -16.48
N SER C 175 -26.52 -20.01 -15.40
CA SER C 175 -27.97 -19.86 -15.42
C SER C 175 -28.45 -18.43 -15.44
N GLY C 176 -27.53 -17.47 -15.50
CA GLY C 176 -27.95 -16.11 -15.72
C GLY C 176 -27.85 -15.16 -14.56
N VAL C 177 -27.16 -15.54 -13.48
CA VAL C 177 -26.95 -14.55 -12.44
C VAL C 177 -25.89 -13.66 -13.01
N TYR C 178 -26.05 -12.37 -12.79
CA TYR C 178 -25.12 -11.40 -13.29
C TYR C 178 -24.81 -10.39 -12.23
N VAL C 179 -23.56 -9.95 -12.22
CA VAL C 179 -23.23 -8.70 -11.57
C VAL C 179 -23.27 -7.66 -12.68
N HIS C 180 -24.17 -6.69 -12.53
CA HIS C 180 -24.45 -5.67 -13.55
C HIS C 180 -24.92 -4.45 -12.79
N SER C 181 -25.40 -3.43 -13.51
CA SER C 181 -26.08 -2.30 -12.86
C SER C 181 -27.41 -2.00 -13.51
N ALA C 192 -33.93 -2.23 -4.21
CA ALA C 192 -33.98 -2.52 -5.63
C ALA C 192 -34.54 -3.91 -5.89
N ASN C 193 -35.65 -3.95 -6.60
CA ASN C 193 -36.42 -5.18 -6.78
C ASN C 193 -35.94 -6.03 -7.98
N VAL C 194 -34.81 -6.72 -7.78
CA VAL C 194 -34.13 -7.48 -8.84
C VAL C 194 -34.57 -8.94 -8.93
N SER C 195 -34.79 -9.41 -10.16
CA SER C 195 -35.25 -10.75 -10.43
C SER C 195 -34.18 -11.64 -11.08
N HIS C 196 -34.47 -12.93 -11.14
CA HIS C 196 -33.51 -13.93 -11.58
C HIS C 196 -32.33 -14.05 -10.62
N GLY C 197 -32.38 -13.30 -9.53
CA GLY C 197 -31.40 -13.41 -8.48
C GLY C 197 -30.11 -12.68 -8.75
N CYS C 198 -30.04 -12.01 -9.90
CA CYS C 198 -28.83 -11.29 -10.30
C CYS C 198 -28.35 -10.28 -9.27
N ILE C 199 -27.11 -9.85 -9.42
CA ILE C 199 -26.49 -8.97 -8.47
C ILE C 199 -26.38 -7.57 -9.05
N ASN C 200 -27.09 -6.64 -8.42
CA ASN C 200 -27.18 -5.27 -8.92
C ASN C 200 -26.38 -4.28 -8.10
N LEU C 201 -25.61 -3.44 -8.80
CA LEU C 201 -24.82 -2.43 -8.16
C LEU C 201 -25.17 -1.05 -8.77
N SER C 202 -24.64 0.01 -8.16
CA SER C 202 -24.73 1.34 -8.74
C SER C 202 -23.88 1.33 -9.99
N PRO C 203 -24.00 2.36 -10.85
CA PRO C 203 -23.17 2.47 -12.05
C PRO C 203 -21.69 2.65 -11.81
N ASP C 204 -21.38 3.42 -10.78
CA ASP C 204 -20.02 3.68 -10.38
C ASP C 204 -19.34 2.40 -9.89
N ASN C 205 -20.01 1.71 -8.97
CA ASN C 205 -19.45 0.49 -8.40
C ASN C 205 -19.39 -0.64 -9.41
N ALA C 206 -20.43 -0.81 -10.22
CA ALA C 206 -20.44 -1.89 -11.22
C ALA C 206 -19.34 -1.69 -12.26
N ALA C 207 -19.09 -0.44 -12.61
CA ALA C 207 -18.05 -0.09 -13.58
C ALA C 207 -16.70 -0.46 -13.02
N TRP C 208 -16.51 -0.11 -11.76
CA TRP C 208 -15.26 -0.42 -11.11
C TRP C 208 -15.03 -1.88 -11.04
N TYR C 209 -16.04 -2.62 -10.61
CA TYR C 209 -15.90 -4.04 -10.48
C TYR C 209 -15.62 -4.66 -11.84
N PHE C 210 -16.28 -4.14 -12.87
CA PHE C 210 -16.02 -4.58 -14.24
C PHE C 210 -14.58 -4.21 -14.59
N ASP C 211 -14.15 -3.04 -14.11
CA ASP C 211 -12.79 -2.61 -14.34
C ASP C 211 -11.84 -3.51 -13.58
N ALA C 212 -12.29 -3.93 -12.40
CA ALA C 212 -11.49 -4.74 -11.50
C ALA C 212 -11.38 -6.20 -11.91
N VAL C 213 -12.45 -6.76 -12.47
CA VAL C 213 -12.58 -8.22 -12.60
C VAL C 213 -11.86 -8.82 -13.81
N THR C 214 -11.50 -10.10 -13.70
CA THR C 214 -10.98 -10.85 -14.85
C THR C 214 -11.76 -12.16 -14.81
N VAL C 215 -11.85 -12.79 -15.96
CA VAL C 215 -12.45 -14.09 -16.07
C VAL C 215 -11.71 -15.08 -15.17
N GLY C 216 -12.47 -15.78 -14.35
CA GLY C 216 -11.91 -16.72 -13.43
C GLY C 216 -12.06 -16.28 -12.00
N ASP C 217 -12.11 -14.97 -11.77
CA ASP C 217 -12.16 -14.48 -10.41
C ASP C 217 -13.28 -15.10 -9.60
N PRO C 218 -13.02 -15.39 -8.32
CA PRO C 218 -13.98 -15.98 -7.38
C PRO C 218 -15.13 -15.06 -7.02
N ILE C 219 -16.35 -15.57 -7.16
CA ILE C 219 -17.53 -14.88 -6.65
C ILE C 219 -18.15 -15.77 -5.60
N GLU C 220 -18.26 -15.22 -4.41
CA GLU C 220 -18.82 -15.94 -3.28
C GLU C 220 -20.09 -15.23 -2.81
N VAL C 221 -21.21 -15.94 -2.77
CA VAL C 221 -22.43 -15.41 -2.19
C VAL C 221 -22.64 -16.01 -0.81
N VAL C 222 -22.62 -15.17 0.22
CA VAL C 222 -22.72 -15.61 1.60
C VAL C 222 -23.58 -14.62 2.38
N GLY C 223 -23.38 -14.56 3.69
CA GLY C 223 -23.98 -13.50 4.50
C GLY C 223 -25.05 -14.02 5.42
N VAL D 14 28.36 12.25 15.52
CA VAL D 14 28.48 11.83 16.91
C VAL D 14 27.67 12.66 17.90
N SER D 15 26.82 11.99 18.66
CA SER D 15 26.11 12.64 19.77
C SER D 15 26.31 11.77 21.01
N PRO D 16 26.34 12.38 22.21
CA PRO D 16 26.17 13.78 22.60
C PRO D 16 27.23 14.78 22.09
N ALA D 17 26.84 16.04 21.98
CA ALA D 17 27.75 17.07 21.52
C ALA D 17 28.66 17.46 22.67
N ASN D 18 29.58 18.38 22.43
CA ASN D 18 30.55 18.77 23.46
C ASN D 18 29.92 19.54 24.61
N GLY D 19 30.34 19.23 25.83
CA GLY D 19 29.90 19.95 27.01
C GLY D 19 28.60 19.42 27.57
N ALA D 20 27.94 18.57 26.78
CA ALA D 20 26.59 18.13 27.07
C ALA D 20 26.52 17.34 28.37
N VAL D 21 25.55 17.68 29.19
CA VAL D 21 25.34 16.98 30.44
C VAL D 21 24.12 16.09 30.33
N VAL D 22 24.32 14.77 30.29
CA VAL D 22 23.24 13.84 30.02
C VAL D 22 22.92 12.92 31.17
N GLY D 23 22.02 11.99 30.93
CA GLY D 23 21.68 11.00 31.92
C GLY D 23 22.59 9.79 31.80
N VAL D 24 22.33 8.81 32.65
CA VAL D 24 23.30 7.79 32.90
C VAL D 24 23.02 6.52 32.09
N ALA D 25 22.05 6.58 31.21
CA ALA D 25 21.77 5.43 30.37
C ALA D 25 22.01 5.82 28.93
N HIS D 26 22.42 7.07 28.75
CA HIS D 26 22.66 7.60 27.42
C HIS D 26 23.79 6.89 26.68
N PRO D 27 23.49 6.30 25.52
CA PRO D 27 24.48 5.67 24.64
C PRO D 27 25.19 6.70 23.76
N VAL D 28 26.28 6.27 23.14
CA VAL D 28 27.01 7.12 22.24
C VAL D 28 26.52 6.74 20.86
N VAL D 29 26.27 7.75 20.03
CA VAL D 29 25.78 7.57 18.67
C VAL D 29 26.73 8.22 17.66
N VAL D 30 27.19 7.45 16.68
CA VAL D 30 28.19 7.92 15.73
C VAL D 30 27.69 8.08 14.27
N THR D 31 28.08 9.21 13.66
CA THR D 31 27.67 9.61 12.30
C THR D 31 28.70 9.29 11.20
N ASP D 38 33.68 -1.54 6.60
CA ASP D 38 33.84 -2.65 7.53
C ASP D 38 33.52 -2.20 8.94
N ARG D 39 32.60 -2.90 9.58
CA ARG D 39 32.11 -2.48 10.88
C ARG D 39 33.04 -2.90 12.02
N ARG D 40 33.66 -4.08 11.90
CA ARG D 40 34.67 -4.51 12.86
C ARG D 40 35.77 -3.49 12.80
N ALA D 41 35.93 -2.93 11.61
CA ALA D 41 36.95 -1.94 11.37
C ALA D 41 36.46 -0.58 11.82
N VAL D 42 35.16 -0.36 11.76
CA VAL D 42 34.64 0.92 12.19
C VAL D 42 34.40 0.81 13.69
N GLU D 43 34.21 -0.39 14.19
CA GLU D 43 34.21 -0.58 15.64
C GLU D 43 35.61 -0.30 16.24
N ARG D 44 36.64 -0.79 15.58
CA ARG D 44 38.01 -0.62 16.06
C ARG D 44 38.50 0.82 15.99
N SER D 45 37.89 1.64 15.15
CA SER D 45 38.32 3.02 14.99
C SER D 45 37.64 3.98 15.96
N ILE D 46 36.91 3.40 16.91
CA ILE D 46 36.22 4.14 17.94
C ILE D 46 36.56 3.61 19.33
N ARG D 47 36.65 4.48 20.34
CA ARG D 47 36.84 4.01 21.71
C ARG D 47 36.31 4.98 22.75
N ILE D 48 35.77 4.42 23.83
CA ILE D 48 35.19 5.21 24.91
C ILE D 48 36.20 5.44 26.00
N SER D 49 36.52 6.70 26.24
CA SER D 49 37.55 7.02 27.21
C SER D 49 36.93 7.44 28.52
N THR D 50 37.21 6.63 29.53
CA THR D 50 36.72 6.80 30.89
C THR D 50 37.89 6.70 31.89
N PRO D 51 37.85 7.47 33.01
CA PRO D 51 38.89 7.45 34.04
C PRO D 51 39.07 6.09 34.71
N HIS D 52 38.03 5.28 34.75
CA HIS D 52 38.15 3.97 35.35
C HIS D 52 37.77 2.98 34.30
N ASN D 53 37.92 3.43 33.07
CA ASN D 53 37.86 2.59 31.89
C ASN D 53 36.65 1.69 31.81
N THR D 54 35.47 2.31 31.80
CA THR D 54 34.23 1.57 31.89
C THR D 54 34.06 0.72 30.64
N THR D 55 33.59 -0.51 30.81
CA THR D 55 33.38 -1.38 29.67
C THR D 55 31.96 -1.28 29.13
N GLY D 56 31.79 -1.58 27.85
CA GLY D 56 30.48 -1.58 27.24
C GLY D 56 30.56 -2.24 25.88
N HIS D 57 29.48 -2.18 25.10
CA HIS D 57 29.46 -2.87 23.83
C HIS D 57 28.77 -2.06 22.76
N PHE D 58 28.98 -2.48 21.52
CA PHE D 58 28.37 -1.87 20.35
C PHE D 58 27.05 -2.51 19.97
N GLU D 59 26.09 -1.69 19.57
CA GLU D 59 24.79 -2.14 19.05
C GLU D 59 24.36 -1.40 17.80
N TRP D 60 23.99 -2.15 16.76
CA TRP D 60 23.38 -1.53 15.58
C TRP D 60 21.86 -1.63 15.66
N ASN D 64 25.93 4.89 8.37
CA ASN D 64 24.87 4.32 9.20
C ASN D 64 25.04 4.71 10.66
N VAL D 65 24.38 4.01 11.58
CA VAL D 65 24.51 4.37 12.99
C VAL D 65 24.77 3.18 13.88
N VAL D 66 25.86 3.27 14.62
CA VAL D 66 26.26 2.28 15.61
C VAL D 66 26.24 2.95 16.97
N ARG D 67 25.87 2.21 18.02
CA ARG D 67 25.84 2.80 19.36
C ARG D 67 26.63 2.03 20.42
N TRP D 68 27.09 2.75 21.45
CA TRP D 68 27.90 2.13 22.47
C TRP D 68 27.18 2.31 23.78
N VAL D 69 26.90 1.22 24.44
CA VAL D 69 26.14 1.24 25.67
C VAL D 69 27.08 0.96 26.85
N PRO D 70 27.06 1.80 27.90
CA PRO D 70 27.86 1.47 29.09
C PRO D 70 27.33 0.21 29.73
N HIS D 71 28.21 -0.64 30.25
CA HIS D 71 27.75 -1.94 30.73
C HIS D 71 26.91 -1.85 32.00
N ARG D 72 27.37 -1.03 32.94
CA ARG D 72 26.61 -0.81 34.18
C ARG D 72 26.36 0.68 34.34
N TYR D 73 25.66 1.21 33.35
CA TYR D 73 25.39 2.63 33.22
C TYR D 73 26.74 3.35 33.18
N TRP D 74 26.68 4.66 33.21
CA TRP D 74 27.88 5.42 33.34
C TRP D 74 27.91 5.57 34.84
N PRO D 75 29.09 5.75 35.40
CA PRO D 75 29.12 6.30 36.75
C PRO D 75 28.69 7.77 36.69
N PRO D 76 27.88 8.22 37.66
CA PRO D 76 27.46 9.62 37.73
C PRO D 76 28.65 10.59 37.78
N HIS D 77 28.44 11.85 37.38
CA HIS D 77 29.44 12.91 37.52
C HIS D 77 30.86 12.50 37.16
N THR D 78 30.94 11.62 36.17
CA THR D 78 32.18 11.08 35.67
C THR D 78 32.52 11.76 34.37
N ARG D 79 33.79 12.06 34.21
CA ARG D 79 34.34 12.64 33.00
C ARG D 79 34.23 11.62 31.84
N VAL D 80 33.57 11.98 30.74
CA VAL D 80 33.50 11.06 29.60
C VAL D 80 34.07 11.64 28.33
N SER D 81 34.95 10.89 27.66
CA SER D 81 35.44 11.28 26.33
C SER D 81 35.32 10.15 25.30
N VAL D 82 34.88 10.43 24.07
CA VAL D 82 34.81 9.42 23.01
C VAL D 82 35.77 9.75 21.89
N GLY D 83 36.52 8.75 21.45
CA GLY D 83 37.42 8.92 20.32
C GLY D 83 36.76 8.29 19.11
N VAL D 84 36.67 9.05 18.02
CA VAL D 84 36.14 8.53 16.78
C VAL D 84 37.09 8.98 15.69
N GLN D 85 37.88 8.04 15.19
CA GLN D 85 38.95 8.39 14.25
C GLN D 85 39.86 9.50 14.81
N GLU D 86 40.02 10.58 14.06
CA GLU D 86 40.95 11.63 14.46
C GLU D 86 40.22 12.67 15.30
N LEU D 87 38.97 12.34 15.62
CA LEU D 87 38.10 13.21 16.38
C LEU D 87 37.91 12.72 17.81
N THR D 88 37.89 13.67 18.74
CA THR D 88 37.57 13.41 20.15
C THR D 88 36.36 14.24 20.53
N GLU D 89 35.39 13.62 21.17
CA GLU D 89 34.29 14.39 21.70
C GLU D 89 34.02 13.97 23.15
N GLY D 90 33.52 14.89 23.97
CA GLY D 90 33.30 14.54 25.35
C GLY D 90 32.06 15.17 25.93
N PHE D 91 31.40 14.43 26.82
CA PHE D 91 30.19 14.88 27.46
C PHE D 91 30.29 14.48 28.91
N GLU D 92 29.36 14.89 29.74
CA GLU D 92 29.43 14.37 31.10
C GLU D 92 28.10 13.75 31.48
N THR D 93 28.13 12.78 32.37
CA THR D 93 26.91 12.27 32.99
C THR D 93 26.82 12.83 34.40
N GLY D 94 25.61 13.15 34.83
CA GLY D 94 25.29 13.67 36.16
C GLY D 94 24.64 12.65 37.09
N ASP D 95 23.63 13.08 37.84
CA ASP D 95 22.90 12.18 38.74
C ASP D 95 22.32 10.95 38.06
N ALA D 96 22.22 9.86 38.80
CA ALA D 96 21.56 8.67 38.32
C ALA D 96 20.10 8.68 38.77
N LEU D 97 19.22 9.15 37.90
CA LEU D 97 17.80 9.20 38.20
C LEU D 97 17.16 8.13 37.36
N ILE D 98 16.57 7.14 38.00
CA ILE D 98 16.18 5.94 37.31
C ILE D 98 14.68 5.69 37.40
N GLY D 99 14.05 5.42 36.28
CA GLY D 99 12.64 5.09 36.33
C GLY D 99 12.40 3.64 36.01
N VAL D 100 11.53 3.01 36.78
CA VAL D 100 11.21 1.61 36.57
C VAL D 100 9.72 1.37 36.46
N ALA D 101 9.31 0.82 35.33
CA ALA D 101 7.90 0.51 35.12
C ALA D 101 7.65 -0.98 35.27
N SER D 102 6.75 -1.33 36.20
CA SER D 102 6.36 -2.73 36.42
C SER D 102 4.99 -3.05 35.90
N ILE D 103 4.93 -4.03 35.02
CA ILE D 103 3.70 -4.54 34.45
C ILE D 103 2.72 -5.00 35.51
N SER D 104 3.26 -5.76 36.45
CA SER D 104 2.50 -6.41 37.51
C SER D 104 2.09 -5.51 38.65
N ALA D 105 2.91 -4.49 38.89
CA ALA D 105 2.69 -3.59 40.02
C ALA D 105 1.96 -2.30 39.64
N HIS D 106 1.93 -2.01 38.35
CA HIS D 106 1.25 -0.83 37.81
C HIS D 106 1.90 0.46 38.30
N THR D 107 3.22 0.52 38.20
CA THR D 107 3.97 1.63 38.75
C THR D 107 5.04 2.18 37.83
N PHE D 108 5.36 3.45 38.05
CA PHE D 108 6.59 4.02 37.55
C PHE D 108 7.31 4.52 38.76
N THR D 109 8.42 3.90 39.09
CA THR D 109 9.10 4.27 40.30
C THR D 109 10.41 4.95 39.96
N VAL D 110 10.58 6.15 40.50
CA VAL D 110 11.76 6.94 40.20
C VAL D 110 12.67 7.11 41.39
N SER D 111 13.87 6.57 41.26
CA SER D 111 14.84 6.60 42.33
C SER D 111 16.01 7.44 41.85
N ARG D 112 16.83 7.89 42.78
CA ARG D 112 18.09 8.51 42.41
C ARG D 112 19.13 8.17 43.48
N ASN D 113 20.03 7.25 43.15
CA ASN D 113 21.12 6.76 44.02
C ASN D 113 20.67 6.05 45.28
N GLY D 114 20.21 4.82 45.14
CA GLY D 114 19.65 4.16 46.30
C GLY D 114 18.18 4.51 46.35
N GLU D 115 17.93 5.68 46.93
CA GLU D 115 16.61 6.14 47.31
C GLU D 115 15.55 6.42 46.25
N VAL D 116 14.33 6.04 46.55
CA VAL D 116 13.19 6.34 45.70
C VAL D 116 12.61 7.72 46.02
N LEU D 117 12.28 8.45 44.97
CA LEU D 117 11.73 9.78 45.17
C LEU D 117 10.23 9.61 45.04
N ARG D 118 9.82 8.70 44.16
CA ARG D 118 8.41 8.56 43.92
C ARG D 118 8.07 7.20 43.34
N THR D 119 7.09 6.55 43.95
CA THR D 119 6.40 5.43 43.31
C THR D 119 5.15 6.01 42.72
N MET D 120 5.08 6.08 41.40
CA MET D 120 3.91 6.68 40.78
C MET D 120 3.03 5.66 40.12
N PRO D 121 1.73 5.81 40.35
CA PRO D 121 0.70 5.05 39.63
C PRO D 121 0.85 5.30 38.14
N ALA D 122 0.83 4.24 37.35
CA ALA D 122 1.05 4.33 35.92
C ALA D 122 0.13 3.43 35.12
N SER D 123 -0.19 3.84 33.91
CA SER D 123 -0.85 2.96 32.94
C SER D 123 0.16 2.58 31.85
N LEU D 124 0.53 1.30 31.80
CA LEU D 124 1.66 0.90 30.97
C LEU D 124 1.26 0.13 29.71
N GLY D 125 0.79 0.84 28.70
CA GLY D 125 0.32 0.19 27.49
C GLY D 125 -1.09 -0.35 27.67
N ARG D 129 -1.92 -5.07 25.42
CA ARG D 129 -0.67 -4.58 24.83
C ARG D 129 0.12 -3.82 25.85
N PRO D 130 0.97 -4.53 26.57
CA PRO D 130 1.78 -3.85 27.57
C PRO D 130 2.98 -3.11 26.97
N THR D 131 3.59 -2.33 27.84
CA THR D 131 4.79 -1.60 27.54
C THR D 131 5.88 -2.62 27.27
N PRO D 132 6.53 -2.55 26.08
CA PRO D 132 7.52 -3.57 25.74
C PRO D 132 8.63 -3.57 26.75
N ILE D 133 8.88 -4.73 27.33
CA ILE D 133 9.96 -4.82 28.27
C ILE D 133 11.28 -4.67 27.53
N GLY D 134 12.11 -3.81 28.07
CA GLY D 134 13.40 -3.54 27.49
C GLY D 134 14.11 -2.58 28.39
N SER D 135 15.31 -2.20 27.99
CA SER D 135 16.09 -1.30 28.79
C SER D 135 16.36 -0.09 27.92
N PHE D 136 15.80 1.06 28.29
CA PHE D 136 15.83 2.27 27.46
C PHE D 136 16.30 3.53 28.20
N HIS D 137 16.31 4.64 27.49
CA HIS D 137 16.56 5.95 28.09
C HIS D 137 15.62 7.03 27.54
N ALA D 138 15.49 8.14 28.28
CA ALA D 138 14.85 9.32 27.74
C ALA D 138 15.61 9.90 26.55
N MET D 139 14.98 9.93 25.38
CA MET D 139 15.62 10.49 24.20
C MET D 139 15.28 11.98 24.01
N SER D 140 14.11 12.36 24.51
CA SER D 140 13.62 13.74 24.39
C SER D 140 12.49 14.08 25.38
N LYS D 141 12.35 15.38 25.63
CA LYS D 141 11.27 15.92 26.45
C LYS D 141 10.52 16.93 25.57
N GLU D 142 9.20 16.77 25.49
CA GLU D 142 8.32 17.69 24.78
C GLU D 142 7.16 18.12 25.66
N ARG D 143 6.98 19.42 25.86
CA ARG D 143 5.97 19.90 26.80
C ARG D 143 4.57 19.45 26.42
N THR D 144 4.23 19.58 25.15
CA THR D 144 2.99 19.05 24.61
C THR D 144 3.28 18.34 23.31
N VAL D 145 2.63 17.21 23.09
CA VAL D 145 2.76 16.52 21.80
C VAL D 145 1.40 15.94 21.39
N VAL D 146 0.97 16.25 20.17
CA VAL D 146 -0.30 15.75 19.66
C VAL D 146 -0.11 14.38 19.04
N MET D 147 -0.94 13.44 19.44
CA MET D 147 -0.82 12.11 18.93
C MET D 147 -2.01 11.66 18.08
N ASP D 148 -1.79 11.62 16.77
CA ASP D 148 -2.76 11.15 15.80
C ASP D 148 -2.33 9.78 15.24
N SER D 149 -3.11 8.74 15.49
CA SER D 149 -2.73 7.43 14.95
C SER D 149 -2.84 7.39 13.42
N ARG D 150 -3.56 8.36 12.88
CA ARG D 150 -3.74 8.43 11.46
C ARG D 150 -2.47 8.80 10.72
N THR D 151 -1.58 9.51 11.37
CA THR D 151 -0.31 9.88 10.72
C THR D 151 0.59 8.66 10.49
N ILE D 152 0.33 7.58 11.20
CA ILE D 152 1.16 6.40 11.08
C ILE D 152 0.35 5.25 10.54
N GLY D 153 -0.74 5.62 9.85
CA GLY D 153 -1.51 4.69 9.04
C GLY D 153 -2.64 3.98 9.74
N ILE D 154 -3.09 4.50 10.87
CA ILE D 154 -4.13 3.85 11.63
C ILE D 154 -5.36 4.75 11.85
N PRO D 155 -6.52 4.32 11.34
CA PRO D 155 -7.81 5.03 11.38
C PRO D 155 -8.33 5.27 12.80
N LEU D 156 -9.31 6.16 12.95
CA LEU D 156 -9.77 6.57 14.28
C LEU D 156 -10.83 5.66 14.87
N ASN D 157 -11.45 4.82 14.05
CA ASN D 157 -12.47 3.88 14.53
C ASN D 157 -11.83 2.60 15.06
N SER D 158 -10.51 2.60 15.10
CA SER D 158 -9.74 1.49 15.65
C SER D 158 -9.76 1.52 17.17
N SER D 159 -9.73 0.34 17.79
CA SER D 159 -9.62 0.24 19.25
C SER D 159 -8.29 0.79 19.76
N ASP D 160 -7.25 0.70 18.93
CA ASP D 160 -5.93 1.21 19.25
C ASP D 160 -5.66 2.57 18.61
N GLY D 161 -6.73 3.23 18.19
CA GLY D 161 -6.67 4.54 17.56
C GLY D 161 -6.90 5.67 18.54
N TYR D 162 -6.41 6.86 18.20
CA TYR D 162 -6.42 8.00 19.11
C TYR D 162 -6.22 9.33 18.36
N LEU D 163 -6.64 10.41 19.01
CA LEU D 163 -6.30 11.75 18.59
C LEU D 163 -6.36 12.60 19.85
N LEU D 164 -5.20 12.80 20.45
CA LEU D 164 -5.10 13.66 21.61
C LEU D 164 -3.69 14.19 21.75
N THR D 165 -3.55 15.17 22.63
CA THR D 165 -2.31 15.84 22.90
C THR D 165 -1.74 15.37 24.25
N ALA D 166 -0.49 14.90 24.25
CA ALA D 166 0.17 14.49 25.50
C ALA D 166 0.93 15.66 26.10
N HIS D 167 0.85 15.79 27.42
CA HIS D 167 1.52 16.85 28.13
C HIS D 167 2.68 16.29 28.93
N TYR D 168 3.79 17.04 28.96
CA TYR D 168 5.03 16.63 29.64
C TYR D 168 5.51 15.27 29.09
N ALA D 169 5.85 15.24 27.80
CA ALA D 169 6.08 13.98 27.11
C ALA D 169 7.56 13.64 27.06
N VAL D 170 7.92 12.48 27.59
CA VAL D 170 9.28 11.97 27.52
C VAL D 170 9.33 10.71 26.66
N ARG D 171 10.06 10.76 25.55
CA ARG D 171 10.17 9.59 24.67
C ARG D 171 11.06 8.49 25.17
N VAL D 172 10.52 7.28 25.23
CA VAL D 172 11.29 6.15 25.70
C VAL D 172 11.98 5.47 24.54
N THR D 173 11.22 5.09 23.53
CA THR D 173 11.78 4.35 22.42
C THR D 173 11.60 5.09 21.12
N TRP D 174 12.45 4.79 20.13
CA TRP D 174 12.33 5.33 18.78
C TRP D 174 10.96 5.00 18.19
N SER D 175 10.44 3.84 18.59
CA SER D 175 9.25 3.25 18.01
C SER D 175 7.94 3.84 18.53
N GLY D 176 8.04 4.87 19.37
CA GLY D 176 6.87 5.63 19.77
C GLY D 176 6.34 5.51 21.19
N VAL D 177 7.12 4.89 22.08
CA VAL D 177 6.74 4.82 23.49
C VAL D 177 7.10 6.15 24.14
N TYR D 178 6.25 6.59 25.05
CA TYR D 178 6.41 7.86 25.72
C TYR D 178 6.15 7.77 27.20
N VAL D 179 6.85 8.58 27.97
CA VAL D 179 6.39 8.89 29.31
C VAL D 179 5.55 10.15 29.15
N HIS D 180 4.28 10.11 29.50
CA HIS D 180 3.40 11.24 29.21
C HIS D 180 2.22 11.39 30.17
N SER D 181 1.39 12.40 29.93
CA SER D 181 0.11 12.42 30.59
C SER D 181 -0.98 12.74 29.58
N ALA D 182 -2.04 11.96 29.64
CA ALA D 182 -3.18 12.18 28.79
C ALA D 182 -4.35 11.46 29.44
N PRO D 183 -5.58 11.83 29.06
CA PRO D 183 -6.73 11.06 29.54
C PRO D 183 -6.96 9.84 28.66
N TRP D 184 -7.17 8.68 29.27
CA TRP D 184 -7.34 7.44 28.50
C TRP D 184 -8.62 6.70 28.93
N SER D 185 -8.63 6.09 30.11
CA SER D 185 -9.80 5.30 30.54
C SER D 185 -9.97 5.19 32.06
N ALA D 192 -6.49 2.22 32.46
CA ALA D 192 -6.40 3.19 31.38
C ALA D 192 -5.86 2.58 30.09
N ASN D 193 -6.68 2.67 29.05
CA ASN D 193 -6.50 1.97 27.79
C ASN D 193 -5.53 2.73 26.88
N VAL D 194 -4.23 2.65 27.20
CA VAL D 194 -3.18 3.40 26.47
C VAL D 194 -2.61 2.60 25.32
N SER D 195 -2.38 3.26 24.19
CA SER D 195 -1.97 2.59 22.97
C SER D 195 -0.50 2.78 22.66
N HIS D 196 -0.02 2.01 21.69
CA HIS D 196 1.36 2.09 21.19
C HIS D 196 2.36 1.67 22.28
N GLY D 197 1.82 1.25 23.41
CA GLY D 197 2.60 0.76 24.53
C GLY D 197 3.02 1.83 25.52
N CYS D 198 2.65 3.07 25.22
CA CYS D 198 3.07 4.21 26.01
C CYS D 198 2.73 4.11 27.49
N ILE D 199 3.47 4.85 28.32
CA ILE D 199 3.30 4.77 29.76
C ILE D 199 2.60 6.06 30.25
N ASN D 200 1.39 5.93 30.79
CA ASN D 200 0.61 7.10 31.21
C ASN D 200 0.50 7.25 32.72
N LEU D 201 0.75 8.47 33.17
CA LEU D 201 0.69 8.86 34.57
C LEU D 201 -0.32 9.99 34.66
N SER D 202 -0.63 10.43 35.87
CA SER D 202 -1.45 11.61 36.06
C SER D 202 -0.70 12.82 35.57
N PRO D 203 -1.39 13.96 35.43
CA PRO D 203 -0.60 15.13 35.10
C PRO D 203 0.39 15.50 36.21
N ASP D 204 0.04 15.28 37.49
CA ASP D 204 0.97 15.63 38.58
C ASP D 204 2.28 14.84 38.45
N ASN D 205 2.14 13.53 38.24
CA ASN D 205 3.30 12.67 38.15
C ASN D 205 4.11 12.85 36.89
N ALA D 206 3.45 12.95 35.74
CA ALA D 206 4.15 13.13 34.47
C ALA D 206 4.88 14.47 34.42
N ALA D 207 4.30 15.51 35.02
CA ALA D 207 4.97 16.82 35.14
C ALA D 207 6.17 16.75 36.08
N TRP D 208 5.99 16.09 37.21
CA TRP D 208 7.04 15.95 38.21
C TRP D 208 8.21 15.22 37.62
N TYR D 209 7.92 14.09 36.97
CA TYR D 209 8.93 13.27 36.33
C TYR D 209 9.60 14.09 35.23
N PHE D 210 8.80 14.89 34.53
CA PHE D 210 9.31 15.78 33.48
C PHE D 210 10.31 16.83 33.94
N ASP D 211 10.07 17.41 35.11
CA ASP D 211 10.98 18.41 35.65
C ASP D 211 12.26 17.75 36.09
N ALA D 212 12.12 16.56 36.66
CA ALA D 212 13.23 15.88 37.26
C ALA D 212 14.14 15.24 36.23
N VAL D 213 13.55 14.78 35.13
CA VAL D 213 14.28 13.90 34.23
C VAL D 213 15.22 14.67 33.30
N THR D 214 16.28 14.00 32.86
CA THR D 214 17.26 14.55 31.93
C THR D 214 17.41 13.55 30.81
N VAL D 215 17.74 14.04 29.62
CA VAL D 215 18.00 13.17 28.51
C VAL D 215 19.13 12.22 28.89
N GLY D 216 18.91 10.93 28.70
CA GLY D 216 19.89 9.92 29.03
C GLY D 216 19.46 9.08 30.20
N ASP D 217 18.67 9.65 31.10
CA ASP D 217 18.28 8.95 32.32
C ASP D 217 17.70 7.59 32.02
N PRO D 218 17.97 6.62 32.89
CA PRO D 218 17.48 5.26 32.71
C PRO D 218 15.99 5.13 32.84
N ILE D 219 15.37 4.53 31.83
CA ILE D 219 13.98 4.11 31.94
C ILE D 219 14.01 2.60 31.71
N GLU D 220 13.58 1.84 32.72
CA GLU D 220 13.65 0.41 32.62
C GLU D 220 12.25 -0.15 32.68
N VAL D 221 11.91 -0.96 31.68
CA VAL D 221 10.64 -1.61 31.69
C VAL D 221 10.82 -3.03 32.12
N VAL D 222 10.24 -3.36 33.27
CA VAL D 222 10.31 -4.70 33.83
C VAL D 222 8.98 -4.95 34.53
N GLY D 223 8.97 -5.89 35.47
CA GLY D 223 7.84 -6.06 36.35
C GLY D 223 7.10 -7.36 36.18
#